data_6H9F
#
_entry.id   6H9F
#
_cell.length_a   63.749
_cell.length_b   112.286
_cell.length_c   108.010
_cell.angle_alpha   90.000
_cell.angle_beta   95.712
_cell.angle_gamma   90.000
#
_symmetry.space_group_name_H-M   'P 1 21 1'
#
loop_
_entity.id
_entity.type
_entity.pdbx_description
1 polymer 'Glutamate mutase sigma subunit'
2 polymer 'Glutamate mutase epsilon subunit'
3 non-polymer COBALAMIN
4 non-polymer (2~{R},3~{R},4~{S},5~{R})-2-(6-aminopurin-9-yl)-5-propyl-oxolane-3,4-diol
5 non-polymer 'D(-)-TARTARIC ACID'
6 water water
#
loop_
_entity_poly.entity_id
_entity_poly.type
_entity_poly.pdbx_seq_one_letter_code
_entity_poly.pdbx_strand_id
1 'polypeptide(L)'
;MEKKTIVLGVIGSDCHAVGNKILDHAFTNAGFNVVNIGVLSPQENFIKAAIETKADAILVSSLYGQGEIDCKGLRQKCDE
AGLEGILLYVGGNIVVGKQHWPDVEKRFKDMGYDRVYAPGTPPEVGIADLKKDLNIE
;
A,C
2 'polypeptide(L)'
;MELKNKKWTDEEFHKQREEVLQQWPTGKEVDLQEAVDYLKKIPAEKNFAEKLVLAKKKGITMAQPRAGVALLDEHIELLR
YLQDEGGADFLPSTIDAYTRQNRYDECENGIKESEKAGRSLLNGFPGVNHGVKGCRKVLEAVNLPLQARHGTPDSRLLAE
IIHAGGWTSNEGGGISYNVPYAKNVTIEKSLLDWQYCDRLVGFYEEQGVHINREPFGPLTGTLVPPSMSNAVGITEALLA
AEQGVKNITVGYGECGNMIQDIAALRCLEEQTNEYLKAYGYNDVFVTTVFHQWMGGFPQDESKAFGVIVTATTIAALAGA
TKVIVKTPHEAIGIPTKEANAAGIKATKMALNMLEGQRMPMSKELETEMAVIKAETKCILDKMFELGKGDLAIGTVKAFE
TGVMDIPFGPSKYNAGKMMPVRDNLGCVRYLEFGNVPFTEEIKNYNRERLQERAKFEGRDVSFQMVIDDIFAVGKGRLIG
RPE
;
B,D
#
# COMPACT_ATOMS: atom_id res chain seq x y z
N MET A 1 -39.71 -14.22 15.46
CA MET A 1 -40.37 -14.37 14.17
C MET A 1 -41.05 -15.74 13.99
N GLU A 2 -42.23 -15.75 13.36
CA GLU A 2 -42.91 -17.00 13.03
C GLU A 2 -42.05 -17.83 12.08
N LYS A 3 -42.13 -19.16 12.23
CA LYS A 3 -41.27 -20.04 11.43
C LYS A 3 -41.73 -20.13 9.99
N LYS A 4 -40.76 -20.07 9.08
CA LYS A 4 -40.97 -20.32 7.66
C LYS A 4 -39.77 -21.10 7.13
N THR A 5 -39.99 -21.81 6.03
CA THR A 5 -38.95 -22.63 5.42
C THR A 5 -38.42 -21.96 4.16
N ILE A 6 -37.10 -21.82 4.06
CA ILE A 6 -36.45 -21.35 2.84
C ILE A 6 -35.50 -22.44 2.34
N VAL A 7 -35.31 -22.44 1.02
CA VAL A 7 -34.24 -23.19 0.36
C VAL A 7 -33.10 -22.23 0.07
N LEU A 8 -31.88 -22.71 0.29
CA LEU A 8 -30.67 -21.90 0.18
C LEU A 8 -29.63 -22.72 -0.54
N GLY A 9 -28.99 -22.12 -1.54
CA GLY A 9 -27.95 -22.81 -2.27
C GLY A 9 -27.09 -21.84 -3.05
N VAL A 10 -26.02 -22.38 -3.60
CA VAL A 10 -25.19 -21.68 -4.57
C VAL A 10 -25.39 -22.39 -5.90
N ILE A 11 -25.76 -21.61 -6.94
CA ILE A 11 -26.28 -22.15 -8.20
C ILE A 11 -25.13 -22.44 -9.17
N GLY A 12 -25.35 -23.45 -10.03
CA GLY A 12 -24.51 -23.68 -11.19
C GLY A 12 -23.21 -24.40 -10.89
N SER A 13 -22.13 -23.97 -11.55
CA SER A 13 -20.82 -24.56 -11.34
C SER A 13 -20.01 -23.79 -10.31
N ASP A 14 -20.69 -23.08 -9.41
CA ASP A 14 -20.08 -22.16 -8.46
C ASP A 14 -19.79 -22.91 -7.16
N CYS A 15 -18.53 -22.88 -6.71
CA CYS A 15 -18.14 -23.64 -5.53
C CYS A 15 -17.91 -22.78 -4.28
N HIS A 16 -18.17 -21.48 -4.34
CA HIS A 16 -17.97 -20.64 -3.15
C HIS A 16 -18.92 -21.07 -2.03
N ALA A 17 -18.37 -21.28 -0.83
CA ALA A 17 -19.14 -21.86 0.26
C ALA A 17 -19.17 -21.05 1.54
N VAL A 18 -18.26 -20.11 1.75
CA VAL A 18 -18.23 -19.40 3.03
C VAL A 18 -19.52 -18.62 3.21
N GLY A 19 -19.93 -17.89 2.17
CA GLY A 19 -21.17 -17.12 2.25
C GLY A 19 -22.37 -18.00 2.51
N ASN A 20 -22.42 -19.17 1.87
CA ASN A 20 -23.50 -20.13 2.12
C ASN A 20 -23.58 -20.51 3.59
N LYS A 21 -22.42 -20.69 4.21
CA LYS A 21 -22.36 -21.02 5.64
C LYS A 21 -22.88 -19.86 6.49
N ILE A 22 -22.44 -18.62 6.19
CA ILE A 22 -22.89 -17.48 6.98
C ILE A 22 -24.40 -17.29 6.81
N LEU A 23 -24.88 -17.35 5.56
CA LEU A 23 -26.30 -17.16 5.30
C LEU A 23 -27.14 -18.19 6.03
N ASP A 24 -26.68 -19.44 6.07
CA ASP A 24 -27.40 -20.45 6.81
C ASP A 24 -27.38 -20.13 8.30
N HIS A 25 -26.22 -19.77 8.83
CA HIS A 25 -26.14 -19.33 10.22
C HIS A 25 -27.10 -18.19 10.49
N ALA A 26 -27.06 -17.14 9.66
CA ALA A 26 -27.84 -15.93 9.90
C ALA A 26 -29.34 -16.20 9.79
N PHE A 27 -29.77 -16.90 8.74
CA PHE A 27 -31.20 -17.10 8.56
C PHE A 27 -31.73 -18.12 9.57
N THR A 28 -30.91 -19.07 10.01
CA THR A 28 -31.31 -19.94 11.11
C THR A 28 -31.51 -19.14 12.39
N ASN A 29 -30.54 -18.28 12.74
CA ASN A 29 -30.66 -17.48 13.95
C ASN A 29 -31.87 -16.56 13.92
N ALA A 30 -32.28 -16.11 12.74
CA ALA A 30 -33.45 -15.24 12.61
C ALA A 30 -34.75 -16.01 12.75
N GLY A 31 -34.69 -17.33 12.87
CA GLY A 31 -35.87 -18.14 13.08
C GLY A 31 -36.36 -18.90 11.88
N PHE A 32 -35.61 -18.89 10.77
CA PHE A 32 -36.02 -19.63 9.58
C PHE A 32 -35.55 -21.07 9.66
N ASN A 33 -36.32 -21.94 9.02
CA ASN A 33 -35.89 -23.31 8.75
C ASN A 33 -35.19 -23.28 7.39
N VAL A 34 -33.86 -23.45 7.40
CA VAL A 34 -33.04 -23.32 6.20
C VAL A 34 -32.77 -24.71 5.66
N VAL A 35 -33.24 -24.97 4.44
CA VAL A 35 -32.96 -26.20 3.73
C VAL A 35 -31.79 -25.88 2.79
N ASN A 36 -30.58 -26.24 3.21
CA ASN A 36 -29.36 -25.78 2.56
C ASN A 36 -28.87 -26.87 1.62
N ILE A 37 -29.11 -26.69 0.32
CA ILE A 37 -28.63 -27.66 -0.66
C ILE A 37 -27.18 -27.46 -1.06
N GLY A 38 -26.52 -26.39 -0.55
CA GLY A 38 -25.09 -26.22 -0.74
C GLY A 38 -24.69 -25.74 -2.12
N VAL A 39 -23.39 -25.88 -2.39
CA VAL A 39 -22.76 -25.32 -3.57
C VAL A 39 -22.98 -26.25 -4.77
N LEU A 40 -22.61 -25.77 -5.95
CA LEU A 40 -22.64 -26.57 -7.17
C LEU A 40 -24.03 -27.14 -7.45
N SER A 41 -25.06 -26.33 -7.20
CA SER A 41 -26.43 -26.80 -7.30
C SER A 41 -27.09 -26.35 -8.59
N PRO A 42 -27.49 -27.26 -9.48
CA PRO A 42 -28.32 -26.87 -10.62
C PRO A 42 -29.71 -26.46 -10.18
N GLN A 43 -30.43 -25.77 -11.08
CA GLN A 43 -31.77 -25.26 -10.75
C GLN A 43 -32.69 -26.34 -10.20
N GLU A 44 -32.57 -27.56 -10.71
CA GLU A 44 -33.46 -28.65 -10.28
C GLU A 44 -33.31 -28.94 -8.80
N ASN A 45 -32.10 -28.80 -8.26
CA ASN A 45 -31.91 -29.09 -6.84
C ASN A 45 -32.67 -28.10 -5.97
N PHE A 46 -32.73 -26.83 -6.40
CA PHE A 46 -33.50 -25.84 -5.66
C PHE A 46 -34.98 -26.19 -5.67
N ILE A 47 -35.49 -26.60 -6.82
CA ILE A 47 -36.92 -26.86 -6.97
C ILE A 47 -37.31 -28.13 -6.24
N LYS A 48 -36.51 -29.19 -6.39
CA LYS A 48 -36.77 -30.43 -5.67
C LYS A 48 -36.83 -30.19 -4.17
N ALA A 49 -35.87 -29.41 -3.63
CA ALA A 49 -35.88 -29.09 -2.21
C ALA A 49 -37.10 -28.24 -1.85
N ALA A 50 -37.45 -27.26 -2.70
CA ALA A 50 -38.60 -26.42 -2.40
C ALA A 50 -39.88 -27.26 -2.32
N ILE A 51 -40.00 -28.26 -3.19
CA ILE A 51 -41.18 -29.11 -3.20
C ILE A 51 -41.22 -29.98 -1.95
N GLU A 52 -40.13 -30.72 -1.68
CA GLU A 52 -40.10 -31.64 -0.56
C GLU A 52 -40.33 -30.94 0.77
N THR A 53 -39.87 -29.70 0.91
CA THR A 53 -39.95 -29.01 2.18
C THR A 53 -41.04 -27.95 2.22
N LYS A 54 -41.81 -27.82 1.14
CA LYS A 54 -42.87 -26.81 1.05
C LYS A 54 -42.34 -25.43 1.40
N ALA A 55 -41.23 -25.07 0.76
CA ALA A 55 -40.53 -23.82 1.07
C ALA A 55 -41.37 -22.61 0.70
N ASP A 56 -41.21 -21.55 1.48
CA ASP A 56 -41.82 -20.26 1.22
C ASP A 56 -40.96 -19.36 0.34
N ALA A 57 -39.68 -19.68 0.18
CA ALA A 57 -38.78 -18.83 -0.58
C ALA A 57 -37.56 -19.64 -0.98
N ILE A 58 -37.01 -19.30 -2.14
CA ILE A 58 -35.77 -19.86 -2.64
C ILE A 58 -34.76 -18.73 -2.67
N LEU A 59 -33.68 -18.88 -1.92
CA LEU A 59 -32.61 -17.91 -1.90
C LEU A 59 -31.48 -18.47 -2.75
N VAL A 60 -31.33 -17.91 -3.95
CA VAL A 60 -30.27 -18.34 -4.84
C VAL A 60 -29.08 -17.43 -4.58
N SER A 61 -27.99 -18.01 -4.10
CA SER A 61 -26.74 -17.28 -3.99
C SER A 61 -25.90 -17.58 -5.21
N SER A 62 -25.23 -16.55 -5.73
CA SER A 62 -24.41 -16.73 -6.92
C SER A 62 -23.22 -15.80 -6.80
N LEU A 63 -22.03 -16.37 -6.61
CA LEU A 63 -20.83 -15.58 -6.38
C LEU A 63 -19.91 -15.52 -7.59
N TYR A 64 -19.87 -16.54 -8.43
CA TYR A 64 -18.75 -16.64 -9.36
C TYR A 64 -18.95 -15.87 -10.66
N GLY A 65 -20.08 -15.19 -10.83
CA GLY A 65 -20.31 -14.31 -11.96
C GLY A 65 -21.17 -14.90 -13.06
N GLN A 66 -21.17 -16.22 -13.19
CA GLN A 66 -21.90 -16.86 -14.28
C GLN A 66 -23.36 -17.12 -13.93
N GLY A 67 -23.83 -16.60 -12.79
CA GLY A 67 -25.23 -16.66 -12.47
C GLY A 67 -26.13 -15.99 -13.49
N GLU A 68 -25.62 -14.98 -14.19
CA GLU A 68 -26.45 -14.36 -15.21
C GLU A 68 -26.91 -15.39 -16.25
N ILE A 69 -26.07 -16.39 -16.53
CA ILE A 69 -26.46 -17.54 -17.34
C ILE A 69 -27.31 -18.50 -16.51
N ASP A 70 -26.75 -19.02 -15.42
CA ASP A 70 -27.37 -20.10 -14.67
C ASP A 70 -28.77 -19.75 -14.18
N CYS A 71 -29.02 -18.47 -13.89
CA CYS A 71 -30.27 -18.08 -13.23
C CYS A 71 -31.46 -17.97 -14.17
N LYS A 72 -31.22 -17.87 -15.48
CA LYS A 72 -32.32 -17.74 -16.43
C LYS A 72 -33.16 -18.99 -16.41
N GLY A 73 -34.48 -18.81 -16.27
CA GLY A 73 -35.44 -19.89 -16.40
C GLY A 73 -35.87 -20.54 -15.11
N LEU A 74 -35.31 -20.13 -13.96
CA LEU A 74 -35.71 -20.73 -12.69
C LEU A 74 -37.20 -20.53 -12.42
N ARG A 75 -37.69 -19.30 -12.65
CA ARG A 75 -39.09 -19.00 -12.36
C ARG A 75 -40.02 -19.90 -13.17
N GLN A 76 -39.77 -19.97 -14.49
CA GLN A 76 -40.58 -20.82 -15.36
C GLN A 76 -40.63 -22.25 -14.84
N LYS A 77 -39.47 -22.80 -14.43
CA LYS A 77 -39.47 -24.16 -13.91
C LYS A 77 -40.22 -24.25 -12.59
N CYS A 78 -40.13 -23.23 -11.74
CA CYS A 78 -40.92 -23.21 -10.52
C CYS A 78 -42.42 -23.18 -10.83
N ASP A 79 -42.82 -22.40 -11.84
CA ASP A 79 -44.21 -22.40 -12.25
C ASP A 79 -44.65 -23.77 -12.71
N GLU A 80 -43.86 -24.39 -13.60
CA GLU A 80 -44.20 -25.70 -14.13
C GLU A 80 -44.16 -26.79 -13.06
N ALA A 81 -43.41 -26.60 -11.98
CA ALA A 81 -43.40 -27.54 -10.87
C ALA A 81 -44.51 -27.27 -9.86
N GLY A 82 -45.40 -26.32 -10.15
CA GLY A 82 -46.47 -26.03 -9.23
C GLY A 82 -46.08 -25.14 -8.06
N LEU A 83 -44.96 -24.43 -8.15
CA LEU A 83 -44.53 -23.49 -7.12
C LEU A 83 -44.88 -22.05 -7.50
N GLU A 84 -46.03 -21.83 -8.12
CA GLU A 84 -46.40 -20.49 -8.56
C GLU A 84 -46.37 -19.51 -7.40
N GLY A 85 -45.83 -18.32 -7.66
CA GLY A 85 -45.76 -17.30 -6.65
C GLY A 85 -44.75 -17.50 -5.54
N ILE A 86 -43.95 -18.57 -5.57
CA ILE A 86 -42.92 -18.72 -4.55
C ILE A 86 -41.95 -17.55 -4.67
N LEU A 87 -41.45 -17.09 -3.52
CA LEU A 87 -40.45 -16.03 -3.52
C LEU A 87 -39.11 -16.54 -4.07
N LEU A 88 -38.52 -15.77 -4.97
CA LEU A 88 -37.21 -16.07 -5.56
C LEU A 88 -36.29 -14.89 -5.28
N TYR A 89 -35.25 -15.11 -4.48
CA TYR A 89 -34.22 -14.12 -4.20
C TYR A 89 -32.92 -14.53 -4.89
N VAL A 90 -32.16 -13.56 -5.37
CA VAL A 90 -30.83 -13.83 -5.91
C VAL A 90 -29.88 -12.75 -5.39
N GLY A 91 -28.76 -13.17 -4.82
CA GLY A 91 -27.76 -12.24 -4.34
C GLY A 91 -26.37 -12.84 -4.40
N GLY A 92 -25.39 -12.03 -4.00
CA GLY A 92 -23.98 -12.39 -4.06
C GLY A 92 -23.19 -11.47 -4.97
N ASN A 93 -22.54 -12.04 -5.99
CA ASN A 93 -21.80 -11.30 -7.01
C ASN A 93 -22.31 -11.85 -8.33
N ILE A 94 -23.49 -11.42 -8.74
CA ILE A 94 -24.30 -12.24 -9.64
C ILE A 94 -24.01 -12.05 -11.13
N VAL A 95 -23.32 -10.98 -11.51
CA VAL A 95 -22.88 -10.76 -12.89
C VAL A 95 -21.34 -10.78 -12.91
N VAL A 96 -20.79 -10.86 -14.13
CA VAL A 96 -19.34 -10.76 -14.31
C VAL A 96 -18.93 -9.30 -14.29
N GLY A 97 -18.16 -8.90 -13.29
CA GLY A 97 -17.60 -7.58 -13.22
C GLY A 97 -18.46 -6.57 -12.48
N LYS A 98 -17.83 -5.44 -12.19
CA LYS A 98 -18.55 -4.27 -11.72
C LYS A 98 -19.44 -3.75 -12.84
N GLN A 99 -20.73 -3.62 -12.57
CA GLN A 99 -21.68 -3.12 -13.56
C GLN A 99 -22.57 -2.09 -12.90
N HIS A 100 -23.32 -1.36 -13.72
CA HIS A 100 -24.25 -0.36 -13.21
C HIS A 100 -25.42 -1.07 -12.56
N TRP A 101 -25.59 -0.87 -11.24
CA TRP A 101 -26.51 -1.74 -10.51
C TRP A 101 -27.95 -1.67 -11.01
N PRO A 102 -28.55 -0.50 -11.29
CA PRO A 102 -29.93 -0.51 -11.79
C PRO A 102 -30.13 -1.43 -13.00
N ASP A 103 -29.14 -1.52 -13.90
CA ASP A 103 -29.25 -2.40 -15.05
C ASP A 103 -29.23 -3.87 -14.62
N VAL A 104 -28.41 -4.20 -13.62
CA VAL A 104 -28.33 -5.58 -13.18
C VAL A 104 -29.65 -5.99 -12.53
N GLU A 105 -30.17 -5.12 -11.65
CA GLU A 105 -31.40 -5.45 -10.94
C GLU A 105 -32.54 -5.69 -11.92
N LYS A 106 -32.66 -4.84 -12.95
CA LYS A 106 -33.73 -5.04 -13.93
C LYS A 106 -33.52 -6.34 -14.69
N ARG A 107 -32.27 -6.67 -15.03
CA ARG A 107 -31.97 -7.90 -15.77
C ARG A 107 -32.48 -9.13 -15.03
N PHE A 108 -32.24 -9.20 -13.71
CA PHE A 108 -32.65 -10.39 -12.95
C PHE A 108 -34.12 -10.34 -12.56
N LYS A 109 -34.67 -9.16 -12.28
CA LYS A 109 -36.11 -9.05 -12.07
C LYS A 109 -36.87 -9.48 -13.32
N ASP A 110 -36.38 -9.09 -14.51
CA ASP A 110 -37.00 -9.53 -15.74
C ASP A 110 -36.91 -11.04 -15.93
N MET A 111 -35.92 -11.69 -15.32
CA MET A 111 -35.88 -13.14 -15.33
C MET A 111 -36.91 -13.75 -14.40
N GLY A 112 -37.59 -12.96 -13.59
CA GLY A 112 -38.56 -13.48 -12.65
C GLY A 112 -38.10 -13.55 -11.21
N TYR A 113 -37.04 -12.84 -10.83
CA TYR A 113 -36.59 -12.82 -9.45
C TYR A 113 -37.30 -11.69 -8.71
N ASP A 114 -37.75 -12.00 -7.49
CA ASP A 114 -38.52 -11.02 -6.72
C ASP A 114 -37.63 -9.93 -6.13
N ARG A 115 -36.45 -10.31 -5.63
CA ARG A 115 -35.48 -9.37 -5.09
C ARG A 115 -34.09 -9.74 -5.58
N VAL A 116 -33.28 -8.72 -5.83
CA VAL A 116 -31.95 -8.88 -6.43
C VAL A 116 -30.96 -8.09 -5.59
N TYR A 117 -29.89 -8.76 -5.14
CA TYR A 117 -28.97 -8.16 -4.18
C TYR A 117 -27.57 -7.94 -4.75
N ALA A 118 -27.02 -6.77 -4.45
CA ALA A 118 -25.71 -6.32 -4.92
C ALA A 118 -24.61 -6.98 -4.11
N PRO A 119 -23.36 -6.88 -4.57
CA PRO A 119 -22.23 -7.41 -3.79
C PRO A 119 -22.20 -6.85 -2.38
N GLY A 120 -21.77 -7.70 -1.44
CA GLY A 120 -21.64 -7.28 -0.05
C GLY A 120 -22.94 -7.05 0.69
N THR A 121 -24.06 -7.52 0.19
CA THR A 121 -25.33 -7.40 0.92
C THR A 121 -25.27 -8.11 2.28
N PRO A 122 -25.49 -7.42 3.38
CA PRO A 122 -25.57 -8.08 4.68
C PRO A 122 -26.77 -9.02 4.75
N PRO A 123 -26.61 -10.20 5.34
CA PRO A 123 -27.75 -11.13 5.44
C PRO A 123 -28.95 -10.52 6.13
N GLU A 124 -28.70 -9.56 7.02
CA GLU A 124 -29.78 -8.92 7.77
C GLU A 124 -30.73 -8.19 6.84
N VAL A 125 -30.23 -7.63 5.74
CA VAL A 125 -31.10 -7.02 4.74
C VAL A 125 -32.03 -8.06 4.13
N GLY A 126 -31.47 -9.23 3.76
CA GLY A 126 -32.30 -10.29 3.20
C GLY A 126 -33.33 -10.79 4.18
N ILE A 127 -32.95 -10.93 5.45
CA ILE A 127 -33.87 -11.41 6.48
C ILE A 127 -35.03 -10.43 6.65
N ALA A 128 -34.71 -9.14 6.74
CA ALA A 128 -35.74 -8.12 6.87
C ALA A 128 -36.65 -8.10 5.66
N ASP A 129 -36.09 -8.21 4.46
CA ASP A 129 -36.92 -8.24 3.25
C ASP A 129 -37.83 -9.45 3.25
N LEU A 130 -37.31 -10.60 3.66
CA LEU A 130 -38.10 -11.82 3.67
C LEU A 130 -39.23 -11.74 4.69
N LYS A 131 -38.94 -11.20 5.88
CA LYS A 131 -40.00 -10.99 6.86
C LYS A 131 -41.09 -10.10 6.30
N LYS A 132 -40.70 -8.97 5.70
CA LYS A 132 -41.67 -8.10 5.05
C LYS A 132 -42.48 -8.87 4.02
N ASP A 133 -41.79 -9.55 3.10
CA ASP A 133 -42.45 -10.23 1.98
C ASP A 133 -43.37 -11.34 2.45
N LEU A 134 -42.97 -12.07 3.49
CA LEU A 134 -43.85 -13.07 4.09
C LEU A 134 -44.77 -12.47 5.14
N ASN A 135 -44.75 -11.14 5.31
CA ASN A 135 -45.62 -10.43 6.24
C ASN A 135 -45.56 -11.03 7.64
N ILE A 136 -44.35 -11.18 8.17
CA ILE A 136 -44.16 -11.73 9.51
C ILE A 136 -43.23 -10.84 10.32
N GLU A 137 -43.19 -9.55 9.98
CA GLU A 137 -42.46 -8.58 10.79
C GLU A 137 -43.06 -8.49 12.20
N MET B 1 -7.69 -47.29 -12.26
CA MET B 1 -6.34 -47.26 -11.71
C MET B 1 -6.32 -47.26 -10.18
N GLU B 2 -5.36 -47.98 -9.60
CA GLU B 2 -5.13 -47.93 -8.16
C GLU B 2 -4.26 -46.72 -7.82
N LEU B 3 -4.50 -46.14 -6.65
CA LEU B 3 -3.73 -44.97 -6.24
C LEU B 3 -2.51 -45.41 -5.44
N LYS B 4 -1.34 -45.00 -5.90
CA LYS B 4 -0.07 -45.33 -5.26
C LYS B 4 0.89 -44.19 -5.56
N ASN B 5 1.70 -43.79 -4.57
CA ASN B 5 2.66 -42.72 -4.84
C ASN B 5 3.86 -43.29 -5.60
N LYS B 6 3.62 -43.63 -6.86
CA LYS B 6 4.67 -44.14 -7.72
C LYS B 6 4.51 -43.59 -9.13
N LYS B 7 5.64 -43.20 -9.75
CA LYS B 7 5.63 -42.70 -11.12
C LYS B 7 4.90 -43.66 -12.06
N TRP B 8 3.98 -43.12 -12.85
CA TRP B 8 3.31 -43.96 -13.82
C TRP B 8 4.33 -44.42 -14.87
N THR B 9 4.17 -45.67 -15.34
CA THR B 9 4.98 -46.12 -16.46
C THR B 9 4.58 -45.36 -17.71
N ASP B 10 5.52 -45.30 -18.67
CA ASP B 10 5.23 -44.68 -19.95
C ASP B 10 4.01 -45.29 -20.59
N GLU B 11 3.86 -46.61 -20.46
CA GLU B 11 2.74 -47.30 -21.09
C GLU B 11 1.44 -46.94 -20.39
N GLU B 12 1.44 -46.96 -19.06
CA GLU B 12 0.24 -46.59 -18.31
C GLU B 12 -0.14 -45.15 -18.59
N PHE B 13 0.85 -44.26 -18.68
CA PHE B 13 0.54 -42.87 -18.97
C PHE B 13 -0.04 -42.72 -20.37
N HIS B 14 0.54 -43.41 -21.36
CA HIS B 14 0.04 -43.32 -22.73
C HIS B 14 -1.40 -43.82 -22.84
N LYS B 15 -1.72 -44.93 -22.15
CA LYS B 15 -3.10 -45.39 -22.15
C LYS B 15 -4.06 -44.31 -21.64
N GLN B 16 -3.70 -43.65 -20.54
CA GLN B 16 -4.55 -42.58 -20.01
C GLN B 16 -4.72 -41.44 -21.01
N ARG B 17 -3.61 -40.96 -21.59
CA ARG B 17 -3.65 -39.90 -22.60
C ARG B 17 -4.67 -40.19 -23.70
N GLU B 18 -4.69 -41.43 -24.19
CA GLU B 18 -5.57 -41.72 -25.32
C GLU B 18 -7.04 -41.62 -24.92
N GLU B 19 -7.35 -41.96 -23.67
CA GLU B 19 -8.70 -41.70 -23.15
C GLU B 19 -8.95 -40.21 -22.99
N VAL B 20 -8.03 -39.51 -22.31
CA VAL B 20 -8.26 -38.12 -21.94
C VAL B 20 -8.46 -37.26 -23.18
N LEU B 21 -7.63 -37.47 -24.21
CA LEU B 21 -7.71 -36.60 -25.39
C LEU B 21 -9.05 -36.71 -26.12
N GLN B 22 -9.87 -37.72 -25.79
CA GLN B 22 -11.15 -37.89 -26.44
C GLN B 22 -12.25 -37.09 -25.76
N GLN B 23 -11.96 -36.44 -24.63
CA GLN B 23 -13.01 -35.81 -23.84
C GLN B 23 -13.59 -34.55 -24.48
N TRP B 24 -12.96 -34.03 -25.54
CA TRP B 24 -13.49 -32.91 -26.31
C TRP B 24 -12.75 -32.89 -27.65
N PRO B 25 -13.40 -32.41 -28.72
CA PRO B 25 -12.77 -32.55 -30.05
C PRO B 25 -11.46 -31.80 -30.21
N THR B 26 -11.20 -30.78 -29.39
CA THR B 26 -9.92 -30.08 -29.46
C THR B 26 -8.75 -30.93 -28.99
N GLY B 27 -9.02 -32.03 -28.28
CA GLY B 27 -7.95 -32.96 -27.94
C GLY B 27 -7.23 -33.50 -29.16
N LYS B 28 -7.90 -33.55 -30.30
CA LYS B 28 -7.25 -34.00 -31.53
C LYS B 28 -6.12 -33.08 -31.97
N GLU B 29 -6.08 -31.85 -31.46
CA GLU B 29 -5.01 -30.92 -31.79
C GLU B 29 -3.73 -31.15 -30.97
N VAL B 30 -3.74 -32.06 -30.01
CA VAL B 30 -2.55 -32.29 -29.19
C VAL B 30 -1.71 -33.36 -29.86
N ASP B 31 -0.52 -32.98 -30.29
CA ASP B 31 0.47 -33.89 -30.87
C ASP B 31 1.73 -33.76 -30.04
N LEU B 32 2.03 -34.78 -29.24
CA LEU B 32 3.13 -34.68 -28.29
C LEU B 32 4.46 -34.41 -28.98
N GLN B 33 4.72 -35.08 -30.12
CA GLN B 33 5.96 -34.82 -30.86
C GLN B 33 6.01 -33.38 -31.32
N GLU B 34 4.94 -32.92 -31.98
CA GLU B 34 4.91 -31.55 -32.49
C GLU B 34 4.98 -30.53 -31.35
N ALA B 35 4.30 -30.82 -30.23
CA ALA B 35 4.25 -29.89 -29.11
C ALA B 35 5.63 -29.71 -28.48
N VAL B 36 6.39 -30.79 -28.33
CA VAL B 36 7.75 -30.68 -27.83
C VAL B 36 8.55 -29.72 -28.70
N ASP B 37 8.49 -29.89 -30.03
CA ASP B 37 9.24 -28.98 -30.91
C ASP B 37 8.77 -27.54 -30.70
N TYR B 38 7.46 -27.32 -30.62
CA TYR B 38 6.96 -25.96 -30.45
C TYR B 38 7.40 -25.38 -29.10
N LEU B 39 7.30 -26.18 -28.03
CA LEU B 39 7.75 -25.72 -26.71
C LEU B 39 9.24 -25.39 -26.71
N LYS B 40 10.06 -26.20 -27.38
CA LYS B 40 11.49 -25.93 -27.34
C LYS B 40 11.87 -24.68 -28.10
N LYS B 41 11.00 -24.21 -29.01
CA LYS B 41 11.25 -22.98 -29.76
C LYS B 41 10.85 -21.72 -28.99
N ILE B 42 10.15 -21.86 -27.88
CA ILE B 42 9.74 -20.69 -27.08
C ILE B 42 10.99 -20.02 -26.52
N PRO B 43 11.15 -18.71 -26.66
CA PRO B 43 12.28 -18.02 -26.03
C PRO B 43 12.27 -18.18 -24.52
N ALA B 44 13.47 -18.20 -23.93
CA ALA B 44 13.60 -18.34 -22.48
C ALA B 44 12.86 -17.25 -21.71
N GLU B 45 12.79 -16.04 -22.26
CA GLU B 45 12.07 -14.94 -21.62
C GLU B 45 10.59 -15.27 -21.48
N LYS B 46 10.09 -16.23 -22.24
CA LYS B 46 8.69 -16.63 -22.21
C LYS B 46 8.50 -18.02 -21.62
N ASN B 47 9.53 -18.59 -21.03
CA ASN B 47 9.39 -19.89 -20.37
C ASN B 47 9.29 -19.66 -18.87
N PHE B 48 8.18 -20.13 -18.29
CA PHE B 48 7.87 -19.83 -16.89
C PHE B 48 8.89 -20.46 -15.94
N ALA B 49 9.29 -21.71 -16.19
CA ALA B 49 10.27 -22.34 -15.33
C ALA B 49 11.60 -21.59 -15.36
N GLU B 50 12.04 -21.18 -16.55
CA GLU B 50 13.36 -20.56 -16.65
C GLU B 50 13.34 -19.16 -16.06
N LYS B 51 12.23 -18.43 -16.22
CA LYS B 51 12.15 -17.10 -15.62
C LYS B 51 12.08 -17.17 -14.11
N LEU B 52 11.45 -18.21 -13.56
CA LEU B 52 11.49 -18.40 -12.11
C LEU B 52 12.91 -18.61 -11.63
N VAL B 53 13.69 -19.43 -12.34
CA VAL B 53 15.11 -19.59 -12.00
C VAL B 53 15.79 -18.23 -11.97
N LEU B 54 15.56 -17.42 -13.03
CA LEU B 54 16.13 -16.09 -13.09
C LEU B 54 15.73 -15.26 -11.87
N ALA B 55 14.47 -15.36 -11.44
CA ALA B 55 14.03 -14.54 -10.31
C ALA B 55 14.75 -14.94 -9.01
N LYS B 56 14.90 -16.25 -8.78
CA LYS B 56 15.65 -16.72 -7.61
C LYS B 56 17.07 -16.19 -7.64
N LYS B 57 17.76 -16.33 -8.78
CA LYS B 57 19.15 -15.90 -8.86
C LYS B 57 19.29 -14.43 -8.52
N LYS B 58 18.43 -13.59 -9.08
CA LYS B 58 18.52 -12.16 -8.84
C LYS B 58 17.88 -11.74 -7.52
N GLY B 59 17.23 -12.65 -6.82
CA GLY B 59 16.64 -12.32 -5.53
C GLY B 59 15.53 -11.31 -5.59
N ILE B 60 14.68 -11.39 -6.61
CA ILE B 60 13.61 -10.43 -6.79
C ILE B 60 12.27 -11.14 -6.75
N THR B 61 11.24 -10.39 -6.38
CA THR B 61 9.86 -10.87 -6.36
C THR B 61 9.20 -10.42 -7.65
N MET B 62 8.55 -11.34 -8.34
CA MET B 62 7.84 -11.04 -9.58
C MET B 62 6.34 -10.94 -9.31
N ALA B 63 5.69 -10.01 -10.00
CA ALA B 63 4.27 -9.77 -9.84
C ALA B 63 3.52 -10.47 -10.97
N GLN B 64 2.48 -11.22 -10.60
CA GLN B 64 1.67 -11.91 -11.58
C GLN B 64 0.21 -11.63 -11.25
N PRO B 65 -0.57 -11.12 -12.20
CA PRO B 65 -2.01 -10.94 -11.98
C PRO B 65 -2.76 -12.24 -12.26
N ARG B 66 -4.08 -12.17 -12.09
CA ARG B 66 -5.01 -13.15 -12.63
C ARG B 66 -5.87 -12.44 -13.67
N ALA B 67 -6.33 -13.17 -14.68
CA ALA B 67 -7.02 -12.53 -15.81
C ALA B 67 -7.59 -13.58 -16.77
N GLY B 68 -8.81 -13.35 -17.24
CA GLY B 68 -9.39 -14.23 -18.24
C GLY B 68 -10.80 -13.84 -18.66
N VAL B 69 -11.06 -13.88 -19.96
CA VAL B 69 -12.38 -13.59 -20.52
C VAL B 69 -12.71 -14.65 -21.57
N ALA B 70 -13.98 -14.70 -21.95
CA ALA B 70 -14.47 -15.78 -22.80
C ALA B 70 -13.81 -15.80 -24.16
N LEU B 71 -13.67 -14.64 -24.81
CA LEU B 71 -13.32 -14.58 -26.22
C LEU B 71 -11.81 -14.40 -26.43
N LEU B 72 -11.30 -14.99 -27.52
CA LEU B 72 -9.86 -15.08 -27.74
C LEU B 72 -9.22 -13.70 -27.90
N ASP B 73 -9.78 -12.86 -28.78
CA ASP B 73 -9.13 -11.58 -29.05
C ASP B 73 -9.21 -10.65 -27.85
N GLU B 74 -10.36 -10.61 -27.18
CA GLU B 74 -10.49 -9.79 -25.97
C GLU B 74 -9.52 -10.27 -24.90
N HIS B 75 -9.40 -11.59 -24.72
CA HIS B 75 -8.42 -12.14 -23.79
C HIS B 75 -7.00 -11.71 -24.15
N ILE B 76 -6.65 -11.75 -25.43
CA ILE B 76 -5.31 -11.33 -25.82
C ILE B 76 -5.12 -9.84 -25.54
N GLU B 77 -6.10 -9.01 -25.90
CA GLU B 77 -6.00 -7.59 -25.62
C GLU B 77 -5.88 -7.35 -24.11
N LEU B 78 -6.62 -8.11 -23.30
CA LEU B 78 -6.49 -8.02 -21.86
C LEU B 78 -5.05 -8.29 -21.41
N LEU B 79 -4.50 -9.45 -21.78
CA LEU B 79 -3.17 -9.82 -21.29
C LEU B 79 -2.11 -8.83 -21.76
N ARG B 80 -2.27 -8.30 -22.99
CA ARG B 80 -1.33 -7.32 -23.51
C ARG B 80 -1.36 -6.04 -22.69
N TYR B 81 -2.54 -5.66 -22.19
CA TYR B 81 -2.66 -4.47 -21.38
C TYR B 81 -1.99 -4.67 -20.02
N LEU B 82 -2.20 -5.82 -19.39
CA LEU B 82 -1.55 -6.10 -18.10
C LEU B 82 -0.04 -6.19 -18.23
N GLN B 83 0.43 -6.69 -19.37
CA GLN B 83 1.86 -6.72 -19.67
C GLN B 83 2.41 -5.32 -19.91
N ASP B 84 1.76 -4.56 -20.80
CA ASP B 84 2.29 -3.29 -21.27
C ASP B 84 1.98 -2.18 -20.28
N GLU B 85 0.70 -2.02 -19.94
CA GLU B 85 0.34 -0.94 -19.03
C GLU B 85 0.51 -1.36 -17.57
N GLY B 86 0.30 -2.64 -17.25
CA GLY B 86 0.46 -3.07 -15.88
C GLY B 86 1.91 -3.31 -15.47
N GLY B 87 2.74 -3.75 -16.41
CA GLY B 87 4.09 -4.14 -16.06
C GLY B 87 4.23 -5.52 -15.46
N ALA B 88 3.28 -6.42 -15.70
CA ALA B 88 3.36 -7.77 -15.15
C ALA B 88 4.68 -8.45 -15.52
N ASP B 89 5.16 -9.30 -14.61
CA ASP B 89 6.34 -10.13 -14.89
C ASP B 89 5.97 -11.51 -15.41
N PHE B 90 4.79 -12.00 -15.04
CA PHE B 90 4.27 -13.26 -15.54
C PHE B 90 2.83 -13.05 -15.96
N LEU B 91 2.37 -13.88 -16.87
CA LEU B 91 0.99 -13.69 -17.26
C LEU B 91 0.15 -14.90 -16.87
N PRO B 92 -1.08 -14.68 -16.42
CA PRO B 92 -2.01 -15.78 -16.20
C PRO B 92 -2.80 -16.08 -17.47
N SER B 93 -3.51 -17.21 -17.43
CA SER B 93 -4.80 -17.27 -18.09
C SER B 93 -5.72 -18.01 -17.14
N THR B 94 -6.65 -17.26 -16.54
CA THR B 94 -7.59 -17.82 -15.59
C THR B 94 -8.74 -18.51 -16.33
N ILE B 95 -8.95 -19.75 -16.01
CA ILE B 95 -9.89 -20.61 -16.70
C ILE B 95 -11.27 -20.40 -16.07
N ASP B 96 -12.29 -20.39 -16.91
CA ASP B 96 -13.66 -20.22 -16.43
C ASP B 96 -14.10 -21.44 -15.62
N ALA B 97 -15.17 -21.25 -14.87
CA ALA B 97 -15.64 -22.28 -13.95
C ALA B 97 -16.41 -23.41 -14.65
N TYR B 98 -16.97 -23.19 -15.84
CA TYR B 98 -17.55 -24.33 -16.57
C TYR B 98 -16.46 -25.32 -16.98
N THR B 99 -15.35 -24.82 -17.55
CA THR B 99 -14.21 -25.68 -17.87
C THR B 99 -13.74 -26.45 -16.64
N ARG B 100 -13.64 -25.76 -15.50
CA ARG B 100 -13.16 -26.39 -14.27
C ARG B 100 -14.05 -27.54 -13.83
N GLN B 101 -15.31 -27.52 -14.23
CA GLN B 101 -16.25 -28.59 -13.96
C GLN B 101 -16.46 -29.47 -15.18
N ASN B 102 -15.61 -29.31 -16.20
CA ASN B 102 -15.57 -30.16 -17.39
C ASN B 102 -16.84 -30.03 -18.23
N ARG B 103 -17.49 -28.86 -18.17
CA ARG B 103 -18.74 -28.61 -18.90
C ARG B 103 -18.46 -27.75 -20.13
N TYR B 104 -17.79 -28.37 -21.10
CA TYR B 104 -17.39 -27.63 -22.29
C TYR B 104 -18.57 -27.23 -23.14
N ASP B 105 -19.69 -27.96 -23.04
CA ASP B 105 -20.94 -27.52 -23.65
C ASP B 105 -21.35 -26.16 -23.11
N GLU B 106 -21.25 -25.95 -21.79
CA GLU B 106 -21.62 -24.65 -21.25
C GLU B 106 -20.59 -23.59 -21.58
N CYS B 107 -19.31 -23.95 -21.62
CA CYS B 107 -18.29 -23.04 -22.15
C CYS B 107 -18.72 -22.50 -23.50
N GLU B 108 -19.10 -23.40 -24.41
CA GLU B 108 -19.44 -23.00 -25.77
C GLU B 108 -20.63 -22.05 -25.78
N ASN B 109 -21.69 -22.40 -25.05
CA ASN B 109 -22.82 -21.48 -24.93
C ASN B 109 -22.37 -20.13 -24.38
N GLY B 110 -21.53 -20.15 -23.33
CA GLY B 110 -21.05 -18.90 -22.77
C GLY B 110 -20.24 -18.09 -23.76
N ILE B 111 -19.43 -18.77 -24.58
CA ILE B 111 -18.71 -18.08 -25.65
C ILE B 111 -19.68 -17.36 -26.57
N LYS B 112 -20.69 -18.08 -27.07
CA LYS B 112 -21.62 -17.46 -28.01
C LYS B 112 -22.36 -16.30 -27.37
N GLU B 113 -22.83 -16.47 -26.14
CA GLU B 113 -23.51 -15.37 -25.46
C GLU B 113 -22.58 -14.19 -25.24
N SER B 114 -21.30 -14.46 -24.91
CA SER B 114 -20.34 -13.37 -24.75
C SER B 114 -20.15 -12.60 -26.05
N GLU B 115 -20.10 -13.32 -27.18
CA GLU B 115 -20.04 -12.66 -28.48
C GLU B 115 -21.28 -11.79 -28.70
N LYS B 116 -22.46 -12.35 -28.41
CA LYS B 116 -23.71 -11.62 -28.62
C LYS B 116 -23.78 -10.40 -27.73
N ALA B 117 -23.33 -10.53 -26.46
CA ALA B 117 -23.48 -9.46 -25.49
C ALA B 117 -22.40 -8.37 -25.60
N GLY B 118 -21.29 -8.63 -26.27
CA GLY B 118 -20.21 -7.67 -26.27
C GLY B 118 -19.44 -7.57 -24.98
N ARG B 119 -19.54 -8.59 -24.12
CA ARG B 119 -18.84 -8.61 -22.84
C ARG B 119 -18.81 -10.05 -22.39
N SER B 120 -17.86 -10.38 -21.51
CA SER B 120 -17.66 -11.76 -21.11
C SER B 120 -18.76 -12.18 -20.14
N LEU B 121 -19.55 -13.17 -20.53
CA LEU B 121 -20.45 -13.82 -19.59
C LEU B 121 -19.81 -15.01 -18.89
N LEU B 122 -18.63 -15.43 -19.36
CA LEU B 122 -17.80 -16.38 -18.63
C LEU B 122 -16.86 -15.65 -17.69
N ASN B 123 -16.57 -16.28 -16.55
CA ASN B 123 -15.63 -15.72 -15.58
C ASN B 123 -14.18 -16.14 -15.86
N GLY B 124 -13.88 -16.53 -17.09
CA GLY B 124 -12.50 -16.82 -17.44
C GLY B 124 -12.39 -17.25 -18.89
N PHE B 125 -11.22 -17.77 -19.21
CA PHE B 125 -10.85 -18.16 -20.56
C PHE B 125 -11.14 -19.63 -20.75
N PRO B 126 -12.02 -20.03 -21.69
CA PRO B 126 -12.32 -21.47 -21.86
C PRO B 126 -11.26 -22.18 -22.72
N GLY B 127 -10.18 -22.58 -22.05
CA GLY B 127 -9.00 -23.02 -22.77
C GLY B 127 -9.19 -24.32 -23.52
N VAL B 128 -10.00 -25.24 -22.97
CA VAL B 128 -10.28 -26.47 -23.67
C VAL B 128 -11.05 -26.19 -24.95
N ASN B 129 -12.05 -25.30 -24.89
CA ASN B 129 -12.83 -24.98 -26.08
C ASN B 129 -11.99 -24.25 -27.11
N HIS B 130 -11.14 -23.33 -26.69
CA HIS B 130 -10.29 -22.62 -27.65
C HIS B 130 -9.17 -23.50 -28.19
N GLY B 131 -8.88 -24.65 -27.56
CA GLY B 131 -7.96 -25.63 -28.11
C GLY B 131 -6.51 -25.19 -28.08
N VAL B 132 -5.66 -26.08 -28.63
CA VAL B 132 -4.22 -25.80 -28.76
C VAL B 132 -4.02 -24.57 -29.63
N LYS B 133 -4.81 -24.45 -30.70
CA LYS B 133 -4.64 -23.33 -31.62
C LYS B 133 -4.87 -22.01 -30.92
N GLY B 134 -5.98 -21.91 -30.18
CA GLY B 134 -6.26 -20.67 -29.47
C GLY B 134 -5.25 -20.36 -28.39
N CYS B 135 -4.82 -21.39 -27.62
CA CYS B 135 -3.86 -21.12 -26.56
C CYS B 135 -2.52 -20.68 -27.13
N ARG B 136 -2.15 -21.18 -28.31
CA ARG B 136 -0.92 -20.72 -28.97
C ARG B 136 -1.06 -19.27 -29.43
N LYS B 137 -2.24 -18.88 -29.92
CA LYS B 137 -2.41 -17.49 -30.31
C LYS B 137 -2.17 -16.57 -29.12
N VAL B 138 -2.63 -16.99 -27.94
CA VAL B 138 -2.39 -16.20 -26.74
C VAL B 138 -0.90 -16.08 -26.46
N LEU B 139 -0.19 -17.22 -26.44
CA LEU B 139 1.25 -17.19 -26.21
C LEU B 139 1.98 -16.35 -27.26
N GLU B 140 1.60 -16.51 -28.53
CA GLU B 140 2.33 -15.79 -29.58
C GLU B 140 2.02 -14.30 -29.57
N ALA B 141 0.98 -13.87 -28.87
CA ALA B 141 0.61 -12.47 -28.85
C ALA B 141 1.23 -11.71 -27.67
N VAL B 142 1.85 -12.41 -26.71
CA VAL B 142 2.41 -11.78 -25.52
C VAL B 142 3.93 -11.97 -25.53
N ASN B 143 4.61 -11.27 -24.61
CA ASN B 143 6.06 -11.35 -24.47
C ASN B 143 6.50 -11.88 -23.11
N LEU B 144 5.59 -12.52 -22.37
CA LEU B 144 5.85 -13.03 -21.03
C LEU B 144 5.45 -14.50 -20.96
N PRO B 145 6.01 -15.24 -19.99
CA PRO B 145 5.57 -16.63 -19.81
C PRO B 145 4.12 -16.70 -19.36
N LEU B 146 3.45 -17.80 -19.72
CA LEU B 146 2.03 -17.98 -19.48
C LEU B 146 1.81 -19.20 -18.61
N GLN B 147 0.86 -19.07 -17.67
CA GLN B 147 0.51 -20.12 -16.74
C GLN B 147 -1.01 -20.23 -16.66
N ALA B 148 -1.53 -21.45 -16.78
CA ALA B 148 -2.94 -21.67 -16.52
C ALA B 148 -3.17 -21.54 -15.02
N ARG B 149 -4.10 -20.66 -14.64
CA ARG B 149 -4.52 -20.54 -13.25
C ARG B 149 -6.01 -20.87 -13.21
N HIS B 150 -6.40 -21.78 -12.32
CA HIS B 150 -7.78 -22.24 -12.37
C HIS B 150 -8.25 -22.83 -11.04
N GLY B 151 -8.76 -24.05 -11.06
CA GLY B 151 -9.35 -24.67 -9.88
C GLY B 151 -10.16 -25.87 -10.29
N THR B 152 -9.49 -26.90 -10.80
CA THR B 152 -10.11 -27.95 -11.58
C THR B 152 -9.79 -29.33 -11.00
N PRO B 153 -10.76 -30.00 -10.38
CA PRO B 153 -10.49 -31.37 -9.89
C PRO B 153 -9.93 -32.31 -10.95
N ASP B 154 -10.51 -32.33 -12.16
CA ASP B 154 -10.05 -33.18 -13.25
C ASP B 154 -9.54 -32.26 -14.36
N SER B 155 -8.23 -32.01 -14.35
CA SER B 155 -7.57 -31.05 -15.22
C SER B 155 -6.78 -31.74 -16.33
N ARG B 156 -7.02 -33.03 -16.56
CA ARG B 156 -6.12 -33.78 -17.43
C ARG B 156 -6.11 -33.20 -18.84
N LEU B 157 -7.29 -33.02 -19.43
CA LEU B 157 -7.34 -32.53 -20.81
C LEU B 157 -6.91 -31.08 -20.89
N LEU B 158 -7.36 -30.25 -19.94
CA LEU B 158 -6.92 -28.85 -19.92
C LEU B 158 -5.41 -28.75 -19.92
N ALA B 159 -4.76 -29.63 -19.16
CA ALA B 159 -3.30 -29.61 -19.07
C ALA B 159 -2.67 -29.98 -20.40
N GLU B 160 -3.17 -31.04 -21.05
CA GLU B 160 -2.69 -31.38 -22.39
C GLU B 160 -2.82 -30.20 -23.34
N ILE B 161 -3.94 -29.48 -23.28
CA ILE B 161 -4.17 -28.46 -24.29
C ILE B 161 -3.32 -27.23 -24.02
N ILE B 162 -3.20 -26.80 -22.75
CA ILE B 162 -2.46 -25.56 -22.48
C ILE B 162 -0.96 -25.79 -22.61
N HIS B 163 -0.46 -26.97 -22.22
CA HIS B 163 0.96 -27.24 -22.41
C HIS B 163 1.31 -27.35 -23.90
N ALA B 164 0.52 -28.12 -24.66
CA ALA B 164 0.74 -28.15 -26.10
C ALA B 164 0.58 -26.77 -26.71
N GLY B 165 -0.27 -25.92 -26.11
CA GLY B 165 -0.42 -24.53 -26.49
C GLY B 165 0.70 -23.61 -26.04
N GLY B 166 1.78 -24.14 -25.48
CA GLY B 166 2.91 -23.30 -25.15
C GLY B 166 2.88 -22.63 -23.79
N TRP B 167 1.91 -22.95 -22.94
CA TRP B 167 1.89 -22.40 -21.60
C TRP B 167 2.77 -23.25 -20.71
N THR B 168 3.79 -22.64 -20.11
CA THR B 168 4.88 -23.39 -19.51
C THR B 168 4.75 -23.45 -18.00
N SER B 169 3.55 -23.23 -17.47
CA SER B 169 3.24 -23.56 -16.09
C SER B 169 1.77 -23.95 -15.99
N ASN B 170 1.50 -24.87 -15.08
CA ASN B 170 0.14 -25.26 -14.71
C ASN B 170 0.01 -25.17 -13.20
N GLU B 171 -1.01 -24.47 -12.74
CA GLU B 171 -1.26 -24.36 -11.31
C GLU B 171 -2.21 -25.49 -10.90
N GLY B 172 -2.05 -25.96 -9.67
CA GLY B 172 -3.01 -26.83 -9.06
C GLY B 172 -2.37 -28.02 -8.38
N GLY B 173 -3.23 -28.86 -7.80
CA GLY B 173 -2.83 -30.09 -7.15
C GLY B 173 -4.06 -30.90 -6.80
N GLY B 174 -3.82 -32.18 -6.44
CA GLY B 174 -4.91 -33.10 -6.16
C GLY B 174 -5.69 -32.77 -4.89
N ILE B 175 -5.07 -32.05 -3.97
CA ILE B 175 -5.78 -31.55 -2.78
C ILE B 175 -6.29 -30.15 -3.06
N SER B 176 -5.40 -29.24 -3.44
CA SER B 176 -5.76 -27.82 -3.45
C SER B 176 -6.73 -27.45 -4.56
N TYR B 177 -6.78 -28.22 -5.64
CA TYR B 177 -7.77 -28.01 -6.69
C TYR B 177 -8.95 -28.98 -6.58
N ASN B 178 -9.11 -29.62 -5.43
CA ASN B 178 -10.31 -30.39 -5.14
C ASN B 178 -11.08 -29.69 -4.02
N VAL B 179 -10.59 -29.82 -2.79
CA VAL B 179 -11.35 -29.47 -1.58
C VAL B 179 -11.90 -28.04 -1.63
N PRO B 180 -11.17 -27.02 -2.10
CA PRO B 180 -11.78 -25.69 -2.20
C PRO B 180 -12.73 -25.51 -3.38
N TYR B 181 -12.81 -26.47 -4.28
CA TYR B 181 -13.33 -26.25 -5.62
C TYR B 181 -14.37 -27.27 -6.05
N ALA B 182 -14.76 -28.19 -5.17
CA ALA B 182 -15.61 -29.31 -5.54
C ALA B 182 -16.37 -29.77 -4.31
N LYS B 183 -17.43 -30.53 -4.54
CA LYS B 183 -18.13 -31.14 -3.42
C LYS B 183 -18.18 -32.65 -3.45
N ASN B 184 -18.21 -33.26 -4.64
CA ASN B 184 -18.47 -34.69 -4.77
C ASN B 184 -17.28 -35.50 -5.27
N VAL B 185 -16.10 -34.89 -5.39
CA VAL B 185 -14.96 -35.59 -5.97
C VAL B 185 -14.13 -36.21 -4.86
N THR B 186 -13.94 -37.53 -4.91
CA THR B 186 -13.13 -38.20 -3.90
C THR B 186 -11.70 -37.67 -3.94
N ILE B 187 -11.05 -37.65 -2.78
CA ILE B 187 -9.64 -37.28 -2.71
C ILE B 187 -8.81 -38.25 -3.57
N GLU B 188 -9.19 -39.52 -3.57
CA GLU B 188 -8.46 -40.52 -4.35
C GLU B 188 -8.49 -40.18 -5.84
N LYS B 189 -9.67 -39.81 -6.35
CA LYS B 189 -9.81 -39.49 -7.77
C LYS B 189 -9.02 -38.24 -8.16
N SER B 190 -9.13 -37.16 -7.37
CA SER B 190 -8.41 -35.93 -7.72
C SER B 190 -6.90 -36.16 -7.67
N LEU B 191 -6.42 -36.92 -6.68
CA LEU B 191 -5.00 -37.25 -6.64
C LEU B 191 -4.55 -38.00 -7.88
N LEU B 192 -5.34 -39.01 -8.29
CA LEU B 192 -5.04 -39.77 -9.50
C LEU B 192 -5.01 -38.87 -10.72
N ASP B 193 -6.04 -38.05 -10.89
CA ASP B 193 -6.10 -37.15 -12.03
C ASP B 193 -5.01 -36.10 -11.96
N TRP B 194 -4.64 -35.65 -10.76
CA TRP B 194 -3.52 -34.73 -10.71
C TRP B 194 -2.18 -35.45 -10.87
N GLN B 195 -2.11 -36.76 -10.58
CA GLN B 195 -0.94 -37.53 -11.00
C GLN B 195 -0.74 -37.44 -12.51
N TYR B 196 -1.83 -37.49 -13.27
CA TYR B 196 -1.74 -37.35 -14.73
C TYR B 196 -1.11 -36.01 -15.09
N CYS B 197 -1.61 -34.92 -14.48
CA CYS B 197 -1.09 -33.59 -14.78
C CYS B 197 0.39 -33.49 -14.44
N ASP B 198 0.81 -34.03 -13.29
CA ASP B 198 2.22 -34.04 -12.95
C ASP B 198 3.01 -34.94 -13.89
N ARG B 199 2.43 -36.08 -14.27
CA ARG B 199 3.12 -37.02 -15.15
C ARG B 199 3.36 -36.42 -16.52
N LEU B 200 2.39 -35.63 -17.02
CA LEU B 200 2.60 -34.95 -18.30
C LEU B 200 3.80 -34.01 -18.24
N VAL B 201 3.90 -33.24 -17.15
CA VAL B 201 5.07 -32.40 -16.96
C VAL B 201 6.33 -33.24 -16.85
N GLY B 202 6.23 -34.39 -16.18
CA GLY B 202 7.37 -35.29 -16.10
C GLY B 202 7.80 -35.77 -17.48
N PHE B 203 6.85 -36.14 -18.33
CA PHE B 203 7.17 -36.50 -19.71
C PHE B 203 7.91 -35.37 -20.40
N TYR B 204 7.35 -34.16 -20.34
CA TYR B 204 7.98 -33.03 -21.00
C TYR B 204 9.39 -32.77 -20.48
N GLU B 205 9.58 -32.82 -19.16
CA GLU B 205 10.94 -32.66 -18.62
C GLU B 205 11.88 -33.71 -19.20
N GLU B 206 11.41 -34.94 -19.34
CA GLU B 206 12.26 -36.00 -19.90
C GLU B 206 12.68 -35.71 -21.32
N GLN B 207 11.91 -34.92 -22.06
CA GLN B 207 12.35 -34.50 -23.39
C GLN B 207 13.16 -33.22 -23.34
N GLY B 208 13.43 -32.68 -22.16
CA GLY B 208 14.18 -31.45 -22.03
C GLY B 208 13.36 -30.17 -22.03
N VAL B 209 12.05 -30.27 -21.89
CA VAL B 209 11.15 -29.11 -21.89
C VAL B 209 10.79 -28.80 -20.43
N HIS B 210 11.07 -27.59 -19.99
CA HIS B 210 10.94 -27.23 -18.57
C HIS B 210 9.61 -26.54 -18.34
N ILE B 211 8.81 -27.09 -17.42
CA ILE B 211 7.45 -26.61 -17.18
C ILE B 211 7.22 -26.54 -15.68
N ASN B 212 6.74 -25.38 -15.22
CA ASN B 212 6.53 -25.16 -13.80
C ASN B 212 5.19 -25.72 -13.36
N ARG B 213 5.14 -26.20 -12.13
CA ARG B 213 3.91 -26.64 -11.49
C ARG B 213 3.77 -25.91 -10.17
N GLU B 214 2.56 -25.41 -9.90
CA GLU B 214 2.32 -24.54 -8.75
C GLU B 214 1.12 -25.05 -7.96
N PRO B 215 1.35 -25.82 -6.89
CA PRO B 215 0.26 -26.14 -5.95
C PRO B 215 -0.42 -24.88 -5.44
N PHE B 216 -1.72 -24.95 -5.20
CA PHE B 216 -2.51 -23.77 -4.86
C PHE B 216 -2.57 -23.59 -3.34
N GLY B 217 -1.57 -22.90 -2.79
CA GLY B 217 -1.45 -22.70 -1.36
C GLY B 217 -2.68 -22.24 -0.61
N PRO B 218 -3.35 -21.18 -1.10
CA PRO B 218 -4.40 -20.53 -0.28
C PRO B 218 -5.64 -21.38 0.00
N LEU B 219 -5.91 -22.44 -0.76
CA LEU B 219 -7.08 -23.31 -0.51
C LEU B 219 -8.35 -22.46 -0.52
N THR B 220 -9.12 -22.42 0.56
CA THR B 220 -10.36 -21.66 0.62
C THR B 220 -10.15 -20.17 0.87
N GLY B 221 -8.91 -19.73 1.02
CA GLY B 221 -8.63 -18.33 1.29
C GLY B 221 -9.26 -17.78 2.53
N THR B 222 -9.69 -18.65 3.46
CA THR B 222 -10.42 -18.22 4.66
C THR B 222 -9.75 -18.79 5.91
N LEU B 223 -8.84 -18.00 6.47
CA LEU B 223 -8.23 -18.28 7.76
C LEU B 223 -7.58 -19.66 7.81
N VAL B 224 -6.91 -20.04 6.73
CA VAL B 224 -6.22 -21.33 6.71
C VAL B 224 -4.95 -21.24 7.56
N PRO B 225 -4.87 -21.99 8.66
CA PRO B 225 -3.64 -21.99 9.46
C PRO B 225 -2.43 -22.35 8.63
N PRO B 226 -1.32 -21.62 8.79
CA PRO B 226 -0.12 -21.90 7.96
C PRO B 226 0.33 -23.34 7.94
N SER B 227 0.31 -24.03 9.08
CA SER B 227 0.80 -25.41 9.11
C SER B 227 -0.11 -26.36 8.32
N MET B 228 -1.42 -26.12 8.32
CA MET B 228 -2.30 -26.97 7.51
C MET B 228 -2.14 -26.68 6.02
N SER B 229 -1.97 -25.40 5.66
CA SER B 229 -1.73 -25.01 4.28
C SER B 229 -0.38 -25.54 3.79
N ASN B 230 0.67 -25.36 4.61
CA ASN B 230 2.01 -25.85 4.25
C ASN B 230 2.01 -27.37 4.11
N ALA B 231 1.31 -28.09 4.98
CA ALA B 231 1.27 -29.54 4.84
C ALA B 231 0.68 -29.93 3.49
N VAL B 232 -0.34 -29.22 3.04
CA VAL B 232 -0.91 -29.50 1.71
C VAL B 232 0.14 -29.23 0.62
N GLY B 233 0.77 -28.06 0.68
CA GLY B 233 1.73 -27.71 -0.34
C GLY B 233 2.90 -28.67 -0.41
N ILE B 234 3.45 -29.04 0.76
CA ILE B 234 4.54 -30.01 0.79
C ILE B 234 4.08 -31.34 0.19
N THR B 235 2.87 -31.79 0.55
CA THR B 235 2.33 -33.03 0.00
C THR B 235 2.24 -32.98 -1.53
N GLU B 236 1.61 -31.93 -2.06
CA GLU B 236 1.46 -31.82 -3.52
C GLU B 236 2.80 -31.71 -4.22
N ALA B 237 3.78 -31.05 -3.60
CA ALA B 237 5.14 -31.01 -4.16
C ALA B 237 5.74 -32.41 -4.24
N LEU B 238 5.60 -33.17 -3.15
CA LEU B 238 6.15 -34.52 -3.13
C LEU B 238 5.46 -35.41 -4.16
N LEU B 239 4.15 -35.29 -4.28
CA LEU B 239 3.40 -36.09 -5.24
C LEU B 239 3.76 -35.71 -6.67
N ALA B 240 4.01 -34.41 -6.91
CA ALA B 240 4.42 -33.98 -8.25
C ALA B 240 5.82 -34.47 -8.59
N ALA B 241 6.76 -34.34 -7.65
CA ALA B 241 8.13 -34.76 -7.91
C ALA B 241 8.19 -36.25 -8.24
N GLU B 242 7.32 -37.05 -7.63
CA GLU B 242 7.33 -38.48 -7.91
C GLU B 242 6.94 -38.78 -9.35
N GLN B 243 6.09 -37.95 -9.96
CA GLN B 243 5.72 -38.14 -11.35
C GLN B 243 6.71 -37.49 -12.32
N GLY B 244 7.81 -36.93 -11.81
CA GLY B 244 8.88 -36.38 -12.64
C GLY B 244 8.92 -34.87 -12.76
N VAL B 245 8.11 -34.13 -12.00
CA VAL B 245 8.10 -32.66 -12.06
C VAL B 245 9.39 -32.12 -11.45
N LYS B 246 10.02 -31.18 -12.14
CA LYS B 246 11.33 -30.68 -11.74
C LYS B 246 11.35 -29.23 -11.29
N ASN B 247 10.29 -28.47 -11.54
CA ASN B 247 10.26 -27.05 -11.25
C ASN B 247 8.95 -26.76 -10.55
N ILE B 248 9.01 -26.44 -9.26
CA ILE B 248 7.81 -26.37 -8.43
C ILE B 248 7.81 -25.06 -7.67
N THR B 249 6.70 -24.32 -7.77
CA THR B 249 6.45 -23.14 -6.95
C THR B 249 5.41 -23.49 -5.90
N VAL B 250 5.82 -23.53 -4.64
CA VAL B 250 4.88 -23.77 -3.54
C VAL B 250 4.32 -22.43 -3.10
N GLY B 251 3.04 -22.42 -2.78
CA GLY B 251 2.34 -21.18 -2.50
C GLY B 251 1.77 -21.09 -1.10
N TYR B 252 1.51 -19.86 -0.68
CA TYR B 252 0.97 -19.59 0.64
C TYR B 252 0.06 -18.38 0.51
N GLY B 253 -1.11 -18.46 1.15
CA GLY B 253 -2.02 -17.34 1.21
C GLY B 253 -1.81 -16.52 2.46
N GLU B 254 -1.73 -15.20 2.29
CA GLU B 254 -1.57 -14.27 3.40
C GLU B 254 -2.62 -14.46 4.49
N CYS B 255 -2.16 -14.53 5.73
CA CYS B 255 -3.06 -14.41 6.88
C CYS B 255 -3.10 -13.01 7.47
N GLY B 256 -2.01 -12.23 7.37
CA GLY B 256 -2.04 -10.81 7.68
C GLY B 256 -1.06 -10.37 8.76
N ASN B 257 -0.74 -11.25 9.71
CA ASN B 257 0.34 -10.95 10.64
C ASN B 257 1.67 -11.16 9.93
N MET B 258 2.48 -10.11 9.85
CA MET B 258 3.67 -10.14 9.00
C MET B 258 4.64 -11.23 9.44
N ILE B 259 4.89 -11.33 10.73
CA ILE B 259 5.82 -12.33 11.23
C ILE B 259 5.29 -13.72 10.93
N GLN B 260 3.98 -13.94 11.12
CA GLN B 260 3.44 -15.27 10.84
C GLN B 260 3.52 -15.59 9.36
N ASP B 261 3.20 -14.64 8.49
CA ASP B 261 3.23 -14.92 7.06
C ASP B 261 4.64 -15.16 6.57
N ILE B 262 5.61 -14.44 7.12
CA ILE B 262 6.99 -14.65 6.70
C ILE B 262 7.50 -15.98 7.24
N ALA B 263 7.18 -16.30 8.49
CA ALA B 263 7.50 -17.61 9.03
C ALA B 263 6.93 -18.72 8.16
N ALA B 264 5.65 -18.58 7.78
CA ALA B 264 4.99 -19.62 6.98
C ALA B 264 5.70 -19.83 5.66
N LEU B 265 5.98 -18.75 4.93
CA LEU B 265 6.59 -18.89 3.60
C LEU B 265 7.98 -19.52 3.72
N ARG B 266 8.74 -19.12 4.74
CA ARG B 266 10.07 -19.71 4.92
C ARG B 266 9.98 -21.17 5.33
N CYS B 267 9.08 -21.50 6.27
CA CYS B 267 8.87 -22.91 6.62
C CYS B 267 8.41 -23.71 5.41
N LEU B 268 7.49 -23.15 4.63
CA LEU B 268 7.02 -23.85 3.44
C LEU B 268 8.19 -24.19 2.53
N GLU B 269 9.01 -23.17 2.23
CA GLU B 269 10.12 -23.39 1.32
C GLU B 269 11.16 -24.32 1.93
N GLU B 270 11.50 -24.12 3.21
CA GLU B 270 12.54 -24.93 3.82
C GLU B 270 12.10 -26.38 3.93
N GLN B 271 10.88 -26.61 4.43
CA GLN B 271 10.44 -27.98 4.58
C GLN B 271 10.10 -28.63 3.24
N THR B 272 9.70 -27.85 2.23
CA THR B 272 9.52 -28.46 0.91
C THR B 272 10.85 -29.01 0.41
N ASN B 273 11.91 -28.20 0.48
CA ASN B 273 13.24 -28.67 0.09
C ASN B 273 13.68 -29.85 0.96
N GLU B 274 13.49 -29.75 2.28
CA GLU B 274 13.91 -30.82 3.17
C GLU B 274 13.23 -32.14 2.84
N TYR B 275 11.90 -32.10 2.66
CA TYR B 275 11.15 -33.32 2.37
C TYR B 275 11.48 -33.87 1.00
N LEU B 276 11.65 -33.01 0.00
CA LEU B 276 12.02 -33.49 -1.33
C LEU B 276 13.36 -34.22 -1.29
N LYS B 277 14.34 -33.65 -0.58
CA LYS B 277 15.64 -34.29 -0.46
C LYS B 277 15.59 -35.56 0.39
N ALA B 278 14.79 -35.55 1.47
CA ALA B 278 14.66 -36.73 2.30
C ALA B 278 14.14 -37.92 1.50
N TYR B 279 13.26 -37.68 0.52
CA TYR B 279 12.67 -38.74 -0.27
C TYR B 279 13.37 -38.93 -1.61
N GLY B 280 14.56 -38.37 -1.80
CA GLY B 280 15.37 -38.67 -2.95
C GLY B 280 15.13 -37.82 -4.19
N TYR B 281 14.36 -36.73 -4.07
CA TYR B 281 14.13 -35.82 -5.20
C TYR B 281 15.17 -34.72 -5.10
N ASN B 282 16.30 -34.90 -5.79
CA ASN B 282 17.48 -34.07 -5.59
C ASN B 282 17.69 -33.04 -6.70
N ASP B 283 16.83 -33.00 -7.71
CA ASP B 283 17.02 -32.06 -8.80
C ASP B 283 15.77 -31.22 -9.02
N VAL B 284 15.07 -30.87 -7.96
CA VAL B 284 13.84 -30.09 -8.05
C VAL B 284 14.16 -28.65 -7.69
N PHE B 285 13.80 -27.72 -8.58
CA PHE B 285 14.01 -26.30 -8.33
C PHE B 285 12.75 -25.72 -7.70
N VAL B 286 12.84 -25.34 -6.42
CA VAL B 286 11.67 -24.89 -5.66
C VAL B 286 11.65 -23.37 -5.59
N THR B 287 10.51 -22.78 -5.91
CA THR B 287 10.26 -21.37 -5.65
C THR B 287 9.00 -21.23 -4.80
N THR B 288 8.75 -19.99 -4.39
CA THR B 288 7.61 -19.66 -3.56
C THR B 288 6.74 -18.62 -4.27
N VAL B 289 5.43 -18.71 -4.05
CA VAL B 289 4.51 -17.65 -4.44
C VAL B 289 3.71 -17.24 -3.21
N PHE B 290 3.62 -15.93 -2.97
CA PHE B 290 2.84 -15.37 -1.88
C PHE B 290 1.56 -14.77 -2.46
N HIS B 291 0.40 -15.20 -1.98
CA HIS B 291 -0.85 -14.64 -2.47
C HIS B 291 -1.29 -13.49 -1.56
N GLN B 292 -1.49 -12.32 -2.16
CA GLN B 292 -2.11 -11.23 -1.43
C GLN B 292 -3.46 -11.67 -0.90
N TRP B 293 -3.77 -11.25 0.32
CA TRP B 293 -5.05 -11.49 1.00
C TRP B 293 -6.13 -12.12 0.12
N MET B 294 -6.47 -13.38 0.40
CA MET B 294 -7.44 -14.13 -0.38
C MET B 294 -8.83 -14.18 0.27
N GLY B 295 -9.03 -13.47 1.39
CA GLY B 295 -10.34 -13.38 2.00
C GLY B 295 -11.16 -12.24 1.44
N GLY B 296 -12.29 -11.97 2.08
CA GLY B 296 -13.12 -10.85 1.66
C GLY B 296 -12.38 -9.51 1.65
N PHE B 297 -12.52 -8.75 0.56
CA PHE B 297 -11.88 -7.45 0.42
C PHE B 297 -12.85 -6.33 0.86
N PRO B 298 -12.33 -5.21 1.33
CA PRO B 298 -13.18 -4.02 1.44
C PRO B 298 -13.60 -3.56 0.06
N GLN B 299 -14.78 -2.96 -0.01
CA GLN B 299 -15.28 -2.48 -1.30
C GLN B 299 -14.66 -1.13 -1.68
N ASP B 300 -14.27 -0.33 -0.70
CA ASP B 300 -13.65 0.95 -1.02
C ASP B 300 -12.29 0.72 -1.69
N GLU B 301 -12.09 1.36 -2.84
CA GLU B 301 -10.89 1.07 -3.64
C GLU B 301 -9.62 1.56 -2.96
N SER B 302 -9.68 2.69 -2.23
CA SER B 302 -8.51 3.12 -1.48
C SER B 302 -8.16 2.11 -0.39
N LYS B 303 -9.16 1.62 0.34
CA LYS B 303 -8.90 0.57 1.31
C LYS B 303 -8.33 -0.68 0.64
N ALA B 304 -8.81 -1.01 -0.58
CA ALA B 304 -8.28 -2.14 -1.32
C ALA B 304 -6.78 -1.98 -1.55
N PHE B 305 -6.33 -0.78 -1.93
CA PHE B 305 -4.90 -0.54 -2.07
C PHE B 305 -4.16 -0.76 -0.75
N GLY B 306 -4.79 -0.37 0.38
CA GLY B 306 -4.18 -0.68 1.67
C GLY B 306 -3.93 -2.17 1.85
N VAL B 307 -4.86 -3.01 1.41
CA VAL B 307 -4.67 -4.45 1.54
C VAL B 307 -3.65 -4.95 0.53
N ILE B 308 -3.79 -4.52 -0.74
CA ILE B 308 -2.89 -4.96 -1.81
C ILE B 308 -1.44 -4.67 -1.47
N VAL B 309 -1.15 -3.48 -0.93
CA VAL B 309 0.23 -3.04 -0.79
C VAL B 309 0.85 -3.46 0.54
N THR B 310 0.06 -3.54 1.63
CA THR B 310 0.59 -4.21 2.82
C THR B 310 0.91 -5.67 2.49
N ALA B 311 0.01 -6.36 1.79
CA ALA B 311 0.27 -7.73 1.38
C ALA B 311 1.55 -7.83 0.57
N THR B 312 1.79 -6.89 -0.34
CA THR B 312 3.00 -6.95 -1.16
C THR B 312 4.24 -6.74 -0.29
N THR B 313 4.14 -5.83 0.69
CA THR B 313 5.27 -5.60 1.59
C THR B 313 5.63 -6.89 2.32
N ILE B 314 4.63 -7.64 2.77
CA ILE B 314 4.90 -8.92 3.41
C ILE B 314 5.59 -9.87 2.45
N ALA B 315 5.07 -9.94 1.21
CA ALA B 315 5.67 -10.83 0.20
C ALA B 315 7.13 -10.48 -0.04
N ALA B 316 7.42 -9.18 -0.22
CA ALA B 316 8.79 -8.76 -0.51
C ALA B 316 9.72 -9.06 0.66
N LEU B 317 9.30 -8.77 1.89
CA LEU B 317 10.17 -9.03 3.03
C LEU B 317 10.31 -10.53 3.30
N ALA B 318 9.31 -11.32 2.92
CA ALA B 318 9.44 -12.76 3.04
C ALA B 318 10.42 -13.33 2.03
N GLY B 319 10.76 -12.58 0.99
CA GLY B 319 11.58 -13.13 -0.07
C GLY B 319 10.83 -14.04 -1.02
N ALA B 320 9.53 -13.82 -1.18
CA ALA B 320 8.73 -14.60 -2.12
C ALA B 320 9.29 -14.46 -3.53
N THR B 321 9.33 -15.58 -4.25
CA THR B 321 9.73 -15.50 -5.65
C THR B 321 8.64 -14.82 -6.48
N LYS B 322 7.38 -15.01 -6.13
CA LYS B 322 6.27 -14.50 -6.90
C LYS B 322 5.21 -13.97 -5.95
N VAL B 323 4.47 -12.95 -6.38
CA VAL B 323 3.32 -12.45 -5.62
C VAL B 323 2.14 -12.32 -6.57
N ILE B 324 0.97 -12.79 -6.14
CA ILE B 324 -0.23 -12.75 -6.97
C ILE B 324 -1.05 -11.52 -6.63
N VAL B 325 -1.44 -10.78 -7.67
CA VAL B 325 -1.94 -9.42 -7.55
C VAL B 325 -3.46 -9.43 -7.42
N LYS B 326 -3.96 -8.82 -6.34
CA LYS B 326 -5.36 -8.47 -6.16
C LYS B 326 -5.62 -7.08 -6.73
N THR B 327 -6.89 -6.78 -6.97
CA THR B 327 -7.25 -5.53 -7.61
C THR B 327 -8.28 -4.79 -6.76
N PRO B 328 -8.43 -3.48 -6.97
CA PRO B 328 -9.46 -2.73 -6.23
C PRO B 328 -10.88 -3.14 -6.57
N HIS B 329 -11.11 -4.03 -7.54
CA HIS B 329 -12.45 -4.54 -7.80
C HIS B 329 -12.71 -5.86 -7.09
N GLU B 330 -11.79 -6.30 -6.23
CA GLU B 330 -11.90 -7.63 -5.63
C GLU B 330 -13.25 -7.87 -4.95
N ALA B 331 -13.80 -6.88 -4.25
CA ALA B 331 -15.06 -7.10 -3.54
C ALA B 331 -16.25 -7.21 -4.48
N ILE B 332 -16.14 -6.69 -5.71
CA ILE B 332 -17.29 -6.47 -6.60
C ILE B 332 -17.39 -7.52 -7.70
N GLY B 333 -16.36 -7.62 -8.53
CA GLY B 333 -16.43 -8.54 -9.65
C GLY B 333 -15.12 -8.61 -10.38
N ILE B 334 -15.08 -9.50 -11.38
CA ILE B 334 -13.91 -9.68 -12.24
C ILE B 334 -13.40 -8.31 -12.63
N PRO B 335 -12.13 -8.01 -12.40
CA PRO B 335 -11.64 -6.64 -12.65
C PRO B 335 -11.61 -6.30 -14.13
N THR B 336 -11.85 -5.02 -14.42
CA THR B 336 -11.52 -4.47 -15.72
C THR B 336 -10.01 -4.52 -15.90
N LYS B 337 -9.58 -4.38 -17.16
CA LYS B 337 -8.15 -4.32 -17.42
C LYS B 337 -7.49 -3.15 -16.71
N GLU B 338 -8.22 -2.02 -16.56
CA GLU B 338 -7.67 -0.87 -15.86
C GLU B 338 -7.54 -1.13 -14.36
N ALA B 339 -8.54 -1.79 -13.75
CA ALA B 339 -8.45 -2.12 -12.33
C ALA B 339 -7.32 -3.11 -12.06
N ASN B 340 -7.19 -4.11 -12.93
CA ASN B 340 -6.11 -5.08 -12.79
C ASN B 340 -4.75 -4.39 -12.92
N ALA B 341 -4.57 -3.61 -13.99
CA ALA B 341 -3.33 -2.87 -14.17
C ALA B 341 -3.04 -1.97 -12.98
N ALA B 342 -4.08 -1.37 -12.38
CA ALA B 342 -3.89 -0.54 -11.20
C ALA B 342 -3.28 -1.37 -10.07
N GLY B 343 -3.85 -2.55 -9.80
CA GLY B 343 -3.29 -3.43 -8.79
C GLY B 343 -1.86 -3.84 -9.09
N ILE B 344 -1.56 -4.13 -10.37
CA ILE B 344 -0.21 -4.53 -10.73
C ILE B 344 0.75 -3.38 -10.50
N LYS B 345 0.36 -2.17 -10.89
CA LYS B 345 1.26 -1.02 -10.74
C LYS B 345 1.52 -0.73 -9.26
N ALA B 346 0.49 -0.84 -8.42
CA ALA B 346 0.69 -0.61 -6.99
C ALA B 346 1.57 -1.70 -6.39
N THR B 347 1.37 -2.95 -6.83
CA THR B 347 2.17 -4.06 -6.35
C THR B 347 3.64 -3.88 -6.74
N LYS B 348 3.91 -3.67 -8.03
CA LYS B 348 5.30 -3.53 -8.46
C LYS B 348 5.95 -2.28 -7.89
N MET B 349 5.19 -1.19 -7.75
CA MET B 349 5.75 -0.02 -7.07
C MET B 349 6.23 -0.41 -5.68
N ALA B 350 5.35 -1.07 -4.90
CA ALA B 350 5.73 -1.53 -3.56
C ALA B 350 6.98 -2.40 -3.61
N LEU B 351 7.03 -3.34 -4.56
CA LEU B 351 8.20 -4.22 -4.67
C LEU B 351 9.47 -3.42 -4.94
N ASN B 352 9.41 -2.45 -5.85
CA ASN B 352 10.60 -1.67 -6.17
C ASN B 352 10.96 -0.71 -5.05
N MET B 353 9.98 -0.31 -4.24
CA MET B 353 10.29 0.48 -3.07
C MET B 353 10.96 -0.34 -1.97
N LEU B 354 10.97 -1.66 -2.11
CA LEU B 354 11.54 -2.56 -1.11
C LEU B 354 12.69 -3.39 -1.67
N GLU B 355 13.28 -2.95 -2.79
CA GLU B 355 14.26 -3.75 -3.50
C GLU B 355 15.35 -4.28 -2.57
N GLY B 356 15.53 -5.60 -2.58
CA GLY B 356 16.54 -6.27 -1.79
C GLY B 356 16.26 -6.40 -0.31
N GLN B 357 15.24 -5.74 0.21
CA GLN B 357 15.04 -5.73 1.66
C GLN B 357 14.34 -7.02 2.08
N ARG B 358 14.83 -7.59 3.18
CA ARG B 358 14.31 -8.84 3.71
C ARG B 358 14.08 -8.67 5.20
N MET B 359 13.02 -9.28 5.72
CA MET B 359 12.84 -9.34 7.15
C MET B 359 14.06 -10.03 7.76
N PRO B 360 14.77 -9.38 8.67
CA PRO B 360 15.87 -10.07 9.36
C PRO B 360 15.36 -11.08 10.37
N MET B 361 16.24 -11.99 10.76
CA MET B 361 15.83 -13.02 11.71
C MET B 361 15.68 -12.41 13.09
N SER B 362 14.68 -12.89 13.82
CA SER B 362 14.43 -12.46 15.18
C SER B 362 14.02 -13.66 16.02
N LYS B 363 14.07 -13.48 17.33
CA LYS B 363 13.56 -14.50 18.23
C LYS B 363 12.09 -14.79 17.95
N GLU B 364 11.29 -13.73 17.79
CA GLU B 364 9.88 -13.91 17.50
C GLU B 364 9.66 -14.70 16.21
N LEU B 365 10.40 -14.36 15.15
CA LEU B 365 10.25 -15.09 13.89
C LEU B 365 10.70 -16.54 14.03
N GLU B 366 11.81 -16.78 14.72
CA GLU B 366 12.32 -18.13 14.90
C GLU B 366 11.37 -18.98 15.74
N THR B 367 10.71 -18.36 16.72
CA THR B 367 9.72 -19.06 17.53
C THR B 367 8.51 -19.45 16.68
N GLU B 368 7.98 -18.52 15.87
CA GLU B 368 6.84 -18.86 15.03
C GLU B 368 7.21 -19.91 14.00
N MET B 369 8.43 -19.86 13.47
CA MET B 369 8.88 -20.86 12.51
C MET B 369 8.93 -22.24 13.15
N ALA B 370 9.41 -22.35 14.38
CA ALA B 370 9.45 -23.64 15.05
C ALA B 370 8.04 -24.16 15.35
N VAL B 371 7.12 -23.27 15.69
CA VAL B 371 5.72 -23.65 15.87
C VAL B 371 5.17 -24.26 14.59
N ILE B 372 5.34 -23.56 13.46
CA ILE B 372 4.77 -24.02 12.20
C ILE B 372 5.43 -25.33 11.76
N LYS B 373 6.76 -25.41 11.85
CA LYS B 373 7.42 -26.65 11.44
C LYS B 373 6.96 -27.82 12.30
N ALA B 374 6.81 -27.60 13.60
CA ALA B 374 6.34 -28.67 14.48
C ALA B 374 4.92 -29.09 14.16
N GLU B 375 4.02 -28.12 13.96
CA GLU B 375 2.65 -28.44 13.60
C GLU B 375 2.57 -29.13 12.25
N THR B 376 3.34 -28.66 11.25
CA THR B 376 3.31 -29.27 9.93
C THR B 376 3.81 -30.71 9.97
N LYS B 377 4.87 -30.95 10.76
CA LYS B 377 5.45 -32.29 10.87
C LYS B 377 4.50 -33.27 11.56
N CYS B 378 3.74 -32.80 12.56
CA CYS B 378 2.66 -33.62 13.11
C CYS B 378 1.73 -34.12 12.01
N ILE B 379 1.26 -33.22 11.14
CA ILE B 379 0.29 -33.60 10.14
C ILE B 379 0.93 -34.56 9.14
N LEU B 380 2.13 -34.22 8.64
CA LEU B 380 2.78 -35.05 7.63
C LEU B 380 3.19 -36.39 8.19
N ASP B 381 3.76 -36.42 9.41
CA ASP B 381 4.10 -37.69 10.06
C ASP B 381 2.91 -38.63 10.08
N LYS B 382 1.75 -38.12 10.48
CA LYS B 382 0.57 -38.96 10.59
C LYS B 382 0.10 -39.43 9.22
N MET B 383 0.25 -38.59 8.20
CA MET B 383 -0.12 -38.98 6.84
C MET B 383 0.74 -40.13 6.36
N PHE B 384 2.05 -40.07 6.59
CA PHE B 384 2.92 -41.18 6.22
C PHE B 384 2.58 -42.43 7.02
N GLU B 385 2.22 -42.26 8.29
CA GLU B 385 1.80 -43.39 9.10
C GLU B 385 0.55 -44.02 8.52
N LEU B 386 -0.49 -43.20 8.27
CA LEU B 386 -1.75 -43.72 7.75
C LEU B 386 -1.56 -44.42 6.40
N GLY B 387 -0.66 -43.91 5.57
CA GLY B 387 -0.41 -44.53 4.27
C GLY B 387 0.59 -45.66 4.30
N LYS B 388 1.05 -46.04 5.48
CA LYS B 388 2.12 -47.02 5.66
C LYS B 388 3.30 -46.67 4.77
N GLY B 389 3.67 -45.38 4.77
CA GLY B 389 4.78 -44.87 4.00
C GLY B 389 4.42 -44.35 2.63
N ASP B 390 3.19 -44.55 2.17
CA ASP B 390 2.75 -44.01 0.88
C ASP B 390 1.97 -42.72 1.15
N LEU B 391 2.51 -41.59 0.71
CA LEU B 391 1.91 -40.29 1.02
C LEU B 391 0.56 -40.11 0.33
N ALA B 392 0.38 -40.73 -0.83
CA ALA B 392 -0.86 -40.55 -1.58
C ALA B 392 -2.00 -41.31 -0.90
N ILE B 393 -1.75 -42.55 -0.50
CA ILE B 393 -2.74 -43.26 0.31
C ILE B 393 -2.95 -42.55 1.64
N GLY B 394 -1.88 -42.01 2.22
CA GLY B 394 -2.00 -41.36 3.51
C GLY B 394 -2.82 -40.09 3.44
N THR B 395 -2.73 -39.39 2.31
CA THR B 395 -3.59 -38.22 2.09
C THR B 395 -5.06 -38.59 2.07
N VAL B 396 -5.42 -39.67 1.39
CA VAL B 396 -6.81 -40.10 1.34
C VAL B 396 -7.32 -40.40 2.75
N LYS B 397 -6.54 -41.19 3.51
CA LYS B 397 -6.95 -41.57 4.85
C LYS B 397 -6.89 -40.40 5.81
N ALA B 398 -6.00 -39.43 5.53
CA ALA B 398 -5.93 -38.24 6.36
C ALA B 398 -7.21 -37.44 6.23
N PHE B 399 -7.74 -37.32 5.02
CA PHE B 399 -9.01 -36.61 4.86
C PHE B 399 -10.17 -37.44 5.42
N GLU B 400 -10.10 -38.76 5.29
CA GLU B 400 -11.14 -39.62 5.83
C GLU B 400 -11.23 -39.53 7.34
N THR B 401 -10.09 -39.31 8.01
CA THR B 401 -10.05 -39.29 9.46
C THR B 401 -9.97 -37.89 10.04
N GLY B 402 -10.01 -36.84 9.22
CA GLY B 402 -9.87 -35.50 9.74
C GLY B 402 -8.46 -35.09 10.12
N VAL B 403 -7.45 -35.90 9.79
CA VAL B 403 -6.07 -35.53 10.09
C VAL B 403 -5.66 -34.30 9.27
N MET B 404 -6.08 -34.25 8.02
CA MET B 404 -5.97 -33.07 7.18
C MET B 404 -7.38 -32.51 6.97
N ASP B 405 -7.57 -31.22 7.24
CA ASP B 405 -8.92 -30.67 7.34
C ASP B 405 -8.86 -29.19 6.97
N ILE B 406 -9.54 -28.80 5.90
CA ILE B 406 -9.38 -27.48 5.31
C ILE B 406 -10.57 -26.62 5.71
N PRO B 407 -10.36 -25.51 6.41
CA PRO B 407 -11.49 -24.68 6.86
C PRO B 407 -12.43 -24.31 5.71
N PHE B 408 -13.72 -24.55 5.93
CA PHE B 408 -14.81 -24.11 5.06
C PHE B 408 -14.78 -24.79 3.69
N GLY B 409 -13.97 -25.85 3.52
CA GLY B 409 -13.94 -26.56 2.26
C GLY B 409 -15.28 -27.16 1.90
N PRO B 410 -15.79 -26.88 0.70
CA PRO B 410 -17.06 -27.46 0.27
C PRO B 410 -17.02 -28.97 0.06
N SER B 411 -15.85 -29.58 -0.10
CA SER B 411 -15.80 -31.01 -0.37
C SER B 411 -16.44 -31.80 0.76
N LYS B 412 -17.33 -32.72 0.40
CA LYS B 412 -17.90 -33.60 1.41
C LYS B 412 -16.88 -34.58 1.98
N TYR B 413 -15.70 -34.69 1.37
CA TYR B 413 -14.63 -35.54 1.85
C TYR B 413 -13.71 -34.80 2.83
N ASN B 414 -14.02 -33.54 3.12
CA ASN B 414 -13.33 -32.73 4.09
C ASN B 414 -14.12 -32.80 5.39
N ALA B 415 -13.44 -33.09 6.50
CA ALA B 415 -14.17 -33.34 7.75
C ALA B 415 -14.92 -32.11 8.23
N GLY B 416 -14.38 -30.92 8.01
CA GLY B 416 -15.02 -29.71 8.47
C GLY B 416 -15.09 -29.59 9.98
N LYS B 417 -14.15 -30.21 10.69
CA LYS B 417 -14.13 -30.18 12.16
C LYS B 417 -13.16 -29.15 12.71
N MET B 418 -11.95 -29.07 12.16
CA MET B 418 -11.02 -28.05 12.59
C MET B 418 -11.58 -26.67 12.30
N MET B 419 -11.40 -25.76 13.24
CA MET B 419 -11.93 -24.41 13.16
C MET B 419 -10.80 -23.43 13.46
N PRO B 420 -10.57 -22.44 12.59
CA PRO B 420 -9.51 -21.47 12.84
C PRO B 420 -10.03 -20.16 13.42
N VAL B 421 -9.15 -19.39 14.08
CA VAL B 421 -9.51 -18.06 14.57
C VAL B 421 -8.21 -17.31 14.85
N ARG B 422 -8.27 -15.98 14.79
CA ARG B 422 -7.07 -15.18 15.02
C ARG B 422 -6.79 -15.00 16.51
N ASP B 423 -5.51 -14.87 16.85
CA ASP B 423 -5.13 -14.51 18.21
C ASP B 423 -5.11 -12.99 18.33
N ASN B 424 -4.58 -12.48 19.45
CA ASN B 424 -4.71 -11.05 19.74
C ASN B 424 -3.82 -10.18 18.86
N LEU B 425 -2.79 -10.74 18.25
CA LEU B 425 -1.98 -10.03 17.27
C LEU B 425 -2.37 -10.36 15.83
N GLY B 426 -3.48 -11.06 15.62
CA GLY B 426 -3.92 -11.36 14.29
C GLY B 426 -3.36 -12.62 13.68
N CYS B 427 -2.53 -13.38 14.40
CA CYS B 427 -2.04 -14.66 13.88
C CYS B 427 -3.17 -15.67 13.86
N VAL B 428 -3.33 -16.38 12.75
CA VAL B 428 -4.36 -17.41 12.65
C VAL B 428 -3.92 -18.61 13.48
N ARG B 429 -4.76 -19.02 14.43
CA ARG B 429 -4.52 -20.16 15.30
C ARG B 429 -5.62 -21.20 15.13
N TYR B 430 -5.42 -22.35 15.75
CA TYR B 430 -6.43 -23.40 15.76
C TYR B 430 -7.38 -23.15 16.94
N LEU B 431 -8.66 -22.92 16.65
CA LEU B 431 -9.66 -22.78 17.71
C LEU B 431 -10.20 -24.13 18.16
N GLU B 432 -10.71 -24.93 17.22
CA GLU B 432 -11.07 -26.32 17.48
C GLU B 432 -10.13 -27.20 16.68
N PHE B 433 -9.59 -28.22 17.31
CA PHE B 433 -8.54 -29.00 16.65
C PHE B 433 -9.10 -30.13 15.82
N GLY B 434 -10.33 -30.56 16.06
CA GLY B 434 -10.82 -31.73 15.35
C GLY B 434 -9.92 -32.92 15.59
N ASN B 435 -9.63 -33.66 14.51
CA ASN B 435 -8.70 -34.76 14.57
C ASN B 435 -7.30 -34.39 14.06
N VAL B 436 -6.97 -33.10 14.05
CA VAL B 436 -5.64 -32.70 13.59
C VAL B 436 -4.63 -33.17 14.62
N PRO B 437 -3.63 -33.95 14.23
CA PRO B 437 -2.88 -34.77 15.21
C PRO B 437 -1.78 -34.01 15.95
N PHE B 438 -2.18 -32.98 16.69
CA PHE B 438 -1.22 -32.15 17.41
C PHE B 438 -0.93 -32.73 18.79
N THR B 439 0.31 -32.60 19.22
CA THR B 439 0.66 -32.86 20.62
C THR B 439 -0.05 -31.86 21.54
N GLU B 440 -0.12 -32.22 22.83
CA GLU B 440 -0.75 -31.34 23.81
C GLU B 440 0.00 -30.02 23.94
N GLU B 441 1.33 -30.07 23.85
CA GLU B 441 2.12 -28.85 23.89
C GLU B 441 1.74 -27.91 22.74
N ILE B 442 1.56 -28.47 21.54
CA ILE B 442 1.20 -27.64 20.39
C ILE B 442 -0.20 -27.07 20.56
N LYS B 443 -1.13 -27.88 21.03
CA LYS B 443 -2.47 -27.39 21.32
C LYS B 443 -2.44 -26.29 22.39
N ASN B 444 -1.63 -26.48 23.44
CA ASN B 444 -1.57 -25.51 24.55
C ASN B 444 -1.09 -24.16 24.06
N TYR B 445 -0.12 -24.14 23.15
CA TYR B 445 0.36 -22.87 22.61
C TYR B 445 -0.73 -22.16 21.82
N ASN B 446 -1.49 -22.90 21.02
CA ASN B 446 -2.63 -22.28 20.33
C ASN B 446 -3.60 -21.67 21.33
N ARG B 447 -3.95 -22.43 22.38
CA ARG B 447 -4.90 -21.93 23.38
C ARG B 447 -4.34 -20.73 24.13
N GLU B 448 -3.06 -20.80 24.53
CA GLU B 448 -2.42 -19.67 25.20
C GLU B 448 -2.52 -18.41 24.38
N ARG B 449 -2.19 -18.51 23.09
CA ARG B 449 -2.23 -17.33 22.23
C ARG B 449 -3.65 -16.82 22.06
N LEU B 450 -4.61 -17.74 21.91
CA LEU B 450 -6.00 -17.31 21.78
C LEU B 450 -6.52 -16.66 23.05
N GLN B 451 -6.07 -17.15 24.20
CA GLN B 451 -6.57 -16.61 25.46
C GLN B 451 -6.21 -15.14 25.61
N GLU B 452 -5.07 -14.71 25.05
CA GLU B 452 -4.72 -13.28 25.09
C GLU B 452 -5.77 -12.43 24.38
N ARG B 453 -6.38 -12.97 23.32
CA ARG B 453 -7.45 -12.23 22.64
C ARG B 453 -8.72 -12.21 23.49
N ALA B 454 -9.05 -13.34 24.13
CA ALA B 454 -10.17 -13.34 25.06
C ALA B 454 -9.99 -12.29 26.14
N LYS B 455 -8.78 -12.20 26.70
CA LYS B 455 -8.53 -11.21 27.74
C LYS B 455 -8.70 -9.79 27.21
N PHE B 456 -8.11 -9.51 26.04
CA PHE B 456 -8.12 -8.14 25.52
C PHE B 456 -9.52 -7.72 25.10
N GLU B 457 -10.29 -8.62 24.50
CA GLU B 457 -11.60 -8.24 24.01
C GLU B 457 -12.70 -8.39 25.05
N GLY B 458 -12.41 -9.03 26.17
CA GLY B 458 -13.43 -9.24 27.18
C GLY B 458 -14.48 -10.26 26.81
N ARG B 459 -14.16 -11.22 25.94
CA ARG B 459 -15.15 -12.24 25.59
C ARG B 459 -14.44 -13.56 25.33
N ASP B 460 -15.13 -14.65 25.61
CA ASP B 460 -14.58 -15.97 25.35
C ASP B 460 -14.30 -16.18 23.86
N VAL B 461 -13.19 -16.85 23.56
CA VAL B 461 -12.91 -17.22 22.18
C VAL B 461 -14.01 -18.16 21.69
N SER B 462 -14.49 -17.94 20.46
CA SER B 462 -15.68 -18.64 20.00
C SER B 462 -15.83 -18.55 18.49
N PHE B 463 -16.82 -19.28 17.98
CA PHE B 463 -17.16 -19.20 16.56
C PHE B 463 -17.59 -17.80 16.16
N GLN B 464 -18.16 -17.03 17.10
CA GLN B 464 -18.49 -15.64 16.77
C GLN B 464 -17.25 -14.85 16.39
N MET B 465 -16.14 -15.08 17.09
CA MET B 465 -14.87 -14.48 16.68
C MET B 465 -14.49 -14.92 15.28
N VAL B 466 -14.75 -16.19 14.95
CA VAL B 466 -14.45 -16.67 13.60
C VAL B 466 -15.26 -15.89 12.57
N ILE B 467 -16.55 -15.71 12.83
CA ILE B 467 -17.39 -14.92 11.92
C ILE B 467 -16.90 -13.49 11.84
N ASP B 468 -16.60 -12.89 12.99
CA ASP B 468 -16.01 -11.54 12.99
C ASP B 468 -14.75 -11.48 12.15
N ASP B 469 -13.87 -12.48 12.27
CA ASP B 469 -12.63 -12.50 11.49
C ASP B 469 -12.92 -12.67 10.00
N ILE B 470 -13.94 -13.45 9.65
CA ILE B 470 -14.30 -13.66 8.24
C ILE B 470 -14.64 -12.32 7.57
N PHE B 471 -15.34 -11.44 8.29
CA PHE B 471 -15.78 -10.15 7.78
C PHE B 471 -14.83 -9.00 8.05
N ALA B 472 -13.78 -9.20 8.86
CA ALA B 472 -13.01 -8.08 9.39
C ALA B 472 -12.40 -7.23 8.28
N VAL B 473 -11.66 -7.87 7.36
CA VAL B 473 -10.92 -7.09 6.37
C VAL B 473 -11.87 -6.31 5.47
N GLY B 474 -12.96 -6.95 5.05
CA GLY B 474 -13.99 -6.22 4.31
C GLY B 474 -14.54 -5.03 5.06
N LYS B 475 -14.49 -5.06 6.39
CA LYS B 475 -14.97 -3.95 7.21
C LYS B 475 -13.85 -3.03 7.65
N GLY B 476 -12.62 -3.26 7.22
CA GLY B 476 -11.58 -2.27 7.34
C GLY B 476 -10.46 -2.57 8.31
N ARG B 477 -10.33 -3.81 8.78
CA ARG B 477 -9.28 -4.14 9.74
C ARG B 477 -8.97 -5.63 9.67
N LEU B 478 -7.78 -5.99 10.19
CA LEU B 478 -7.38 -7.40 10.19
C LEU B 478 -8.18 -8.22 11.19
N ILE B 479 -8.29 -7.74 12.42
CA ILE B 479 -8.82 -8.55 13.52
C ILE B 479 -10.29 -8.22 13.75
N GLY B 480 -11.12 -9.25 13.90
CA GLY B 480 -12.54 -9.02 14.17
C GLY B 480 -12.84 -8.61 15.60
N ARG B 481 -12.50 -7.37 15.95
CA ARG B 481 -12.75 -6.85 17.29
C ARG B 481 -14.24 -6.65 17.55
N PRO B 482 -14.68 -6.77 18.81
CA PRO B 482 -16.10 -6.56 19.13
C PRO B 482 -16.64 -5.22 18.63
N GLU B 483 -17.94 -5.21 18.36
CA GLU B 483 -18.77 -4.04 18.01
C GLU B 483 -18.79 -3.77 16.51
N MET C 1 32.45 34.28 -30.49
CA MET C 1 31.83 33.52 -29.40
C MET C 1 30.54 34.17 -28.93
N GLU C 2 29.69 33.34 -28.31
CA GLU C 2 28.51 33.80 -27.57
C GLU C 2 27.92 32.64 -26.79
N LYS C 3 28.30 32.53 -25.52
CA LYS C 3 27.70 31.57 -24.60
C LYS C 3 26.43 32.18 -24.01
N LYS C 4 25.32 31.46 -24.12
CA LYS C 4 24.02 32.03 -23.78
C LYS C 4 23.80 32.05 -22.27
N THR C 5 23.23 33.15 -21.79
CA THR C 5 22.98 33.37 -20.38
C THR C 5 21.48 33.26 -20.11
N ILE C 6 21.12 32.50 -19.07
CA ILE C 6 19.75 32.45 -18.59
C ILE C 6 19.73 32.90 -17.13
N VAL C 7 18.61 33.47 -16.74
CA VAL C 7 18.30 33.71 -15.33
C VAL C 7 17.41 32.59 -14.86
N LEU C 8 17.77 31.97 -13.75
CA LEU C 8 17.04 30.84 -13.18
C LEU C 8 16.70 31.17 -11.73
N GLY C 9 15.42 31.04 -11.37
CA GLY C 9 15.02 31.23 -10.00
C GLY C 9 13.68 30.56 -9.73
N VAL C 10 13.25 30.68 -8.47
CA VAL C 10 11.94 30.21 -8.02
C VAL C 10 11.20 31.45 -7.53
N ILE C 11 10.04 31.72 -8.11
CA ILE C 11 9.40 33.02 -7.98
C ILE C 11 8.58 33.09 -6.69
N GLY C 12 8.47 34.30 -6.14
CA GLY C 12 7.49 34.61 -5.11
C GLY C 12 7.93 34.25 -3.71
N SER C 13 6.98 33.78 -2.90
CA SER C 13 7.22 33.30 -1.55
C SER C 13 7.49 31.80 -1.51
N ASP C 14 7.95 31.22 -2.62
CA ASP C 14 8.21 29.80 -2.80
C ASP C 14 9.65 29.46 -2.38
N CYS C 15 9.80 28.48 -1.49
CA CYS C 15 11.14 28.12 -1.01
C CYS C 15 11.67 26.81 -1.58
N HIS C 16 10.96 26.13 -2.47
CA HIS C 16 11.45 24.85 -3.00
C HIS C 16 12.76 25.05 -3.75
N ALA C 17 13.76 24.20 -3.44
CA ALA C 17 15.12 24.40 -3.93
C ALA C 17 15.73 23.24 -4.69
N VAL C 18 15.25 22.01 -4.50
CA VAL C 18 15.93 20.88 -5.13
C VAL C 18 15.85 20.98 -6.64
N GLY C 19 14.65 21.29 -7.16
CA GLY C 19 14.50 21.48 -8.60
C GLY C 19 15.40 22.57 -9.13
N ASN C 20 15.52 23.68 -8.40
CA ASN C 20 16.43 24.75 -8.81
C ASN C 20 17.86 24.24 -8.95
N LYS C 21 18.31 23.42 -8.00
CA LYS C 21 19.67 22.90 -8.08
C LYS C 21 19.83 21.95 -9.26
N ILE C 22 18.85 21.07 -9.48
CA ILE C 22 18.93 20.16 -10.62
C ILE C 22 18.95 20.94 -11.94
N LEU C 23 18.06 21.93 -12.07
CA LEU C 23 17.98 22.73 -13.29
C LEU C 23 19.27 23.50 -13.54
N ASP C 24 19.84 24.10 -12.49
CA ASP C 24 21.14 24.75 -12.59
C ASP C 24 22.18 23.77 -13.14
N HIS C 25 22.29 22.61 -12.49
CA HIS C 25 23.17 21.54 -12.93
C HIS C 25 22.99 21.25 -14.42
N ALA C 26 21.76 20.91 -14.82
CA ALA C 26 21.55 20.40 -16.17
C ALA C 26 21.78 21.48 -17.22
N PHE C 27 21.33 22.71 -16.96
CA PHE C 27 21.49 23.76 -17.97
C PHE C 27 22.94 24.19 -18.05
N THR C 28 23.65 24.20 -16.92
CA THR C 28 25.09 24.38 -16.96
C THR C 28 25.76 23.29 -17.79
N ASN C 29 25.44 22.03 -17.49
CA ASN C 29 26.01 20.92 -18.25
C ASN C 29 25.67 21.02 -19.73
N ALA C 30 24.55 21.64 -20.07
CA ALA C 30 24.19 21.82 -21.48
C ALA C 30 24.93 22.97 -22.14
N GLY C 31 25.78 23.70 -21.42
CA GLY C 31 26.53 24.80 -22.01
C GLY C 31 25.99 26.19 -21.76
N PHE C 32 25.00 26.34 -20.89
CA PHE C 32 24.47 27.66 -20.61
C PHE C 32 25.21 28.31 -19.45
N ASN C 33 25.31 29.63 -19.50
CA ASN C 33 25.71 30.40 -18.34
C ASN C 33 24.47 30.62 -17.50
N VAL C 34 24.39 29.99 -16.33
CA VAL C 34 23.19 30.03 -15.50
C VAL C 34 23.38 31.07 -14.40
N VAL C 35 22.55 32.11 -14.44
CA VAL C 35 22.53 33.15 -13.41
C VAL C 35 21.42 32.76 -12.45
N ASN C 36 21.79 32.05 -11.39
CA ASN C 36 20.81 31.43 -10.50
C ASN C 36 20.53 32.39 -9.35
N ILE C 37 19.36 33.01 -9.37
CA ILE C 37 18.98 33.92 -8.29
C ILE C 37 18.31 33.18 -7.14
N GLY C 38 18.06 31.88 -7.27
CA GLY C 38 17.62 31.09 -6.14
C GLY C 38 16.14 31.25 -5.84
N VAL C 39 15.78 30.83 -4.62
CA VAL C 39 14.39 30.73 -4.20
C VAL C 39 13.91 32.06 -3.64
N LEU C 40 12.60 32.16 -3.39
CA LEU C 40 11.99 33.33 -2.76
C LEU C 40 12.27 34.62 -3.55
N SER C 41 12.22 34.53 -4.88
CA SER C 41 12.67 35.62 -5.74
C SER C 41 11.50 36.41 -6.26
N PRO C 42 11.38 37.70 -5.94
CA PRO C 42 10.36 38.54 -6.57
C PRO C 42 10.69 38.77 -8.03
N GLN C 43 9.67 39.17 -8.80
CA GLN C 43 9.86 39.44 -10.24
C GLN C 43 11.03 40.36 -10.48
N GLU C 44 11.20 41.38 -9.64
CA GLU C 44 12.25 42.36 -9.87
C GLU C 44 13.62 41.71 -9.84
N ASN C 45 13.79 40.66 -9.05
CA ASN C 45 15.10 40.00 -8.96
C ASN C 45 15.43 39.30 -10.28
N PHE C 46 14.43 38.69 -10.93
CA PHE C 46 14.67 38.12 -12.25
C PHE C 46 15.06 39.21 -13.25
N ILE C 47 14.37 40.35 -13.21
CA ILE C 47 14.62 41.42 -14.16
C ILE C 47 16.00 42.03 -13.95
N LYS C 48 16.35 42.31 -12.70
CA LYS C 48 17.65 42.90 -12.41
C LYS C 48 18.78 41.98 -12.84
N ALA C 49 18.67 40.68 -12.54
CA ALA C 49 19.67 39.73 -12.99
C ALA C 49 19.74 39.71 -14.51
N ALA C 50 18.58 39.73 -15.16
CA ALA C 50 18.54 39.68 -16.61
C ALA C 50 19.23 40.90 -17.23
N ILE C 51 19.10 42.08 -16.59
CA ILE C 51 19.74 43.29 -17.12
C ILE C 51 21.26 43.22 -16.91
N GLU C 52 21.68 42.93 -15.68
CA GLU C 52 23.11 42.92 -15.37
C GLU C 52 23.88 41.90 -16.19
N THR C 53 23.24 40.79 -16.57
CA THR C 53 23.96 39.72 -17.27
C THR C 53 23.60 39.62 -18.74
N LYS C 54 22.72 40.50 -19.23
CA LYS C 54 22.24 40.46 -20.62
C LYS C 54 21.74 39.06 -20.98
N ALA C 55 20.94 38.50 -20.07
CA ALA C 55 20.39 37.16 -20.25
C ALA C 55 19.57 37.08 -21.52
N ASP C 56 19.65 35.92 -22.19
CA ASP C 56 18.81 35.62 -23.33
C ASP C 56 17.46 35.04 -22.95
N ALA C 57 17.33 34.50 -21.74
CA ALA C 57 16.07 33.91 -21.31
C ALA C 57 15.97 34.00 -19.81
N ILE C 58 14.73 34.07 -19.33
CA ILE C 58 14.42 33.93 -17.91
C ILE C 58 13.60 32.66 -17.76
N LEU C 59 14.11 31.71 -16.98
CA LEU C 59 13.39 30.48 -16.67
C LEU C 59 12.79 30.64 -15.28
N VAL C 60 11.48 30.86 -15.22
CA VAL C 60 10.79 30.97 -13.94
C VAL C 60 10.34 29.59 -13.52
N SER C 61 10.78 29.16 -12.35
CA SER C 61 10.26 27.95 -11.73
C SER C 61 9.29 28.34 -10.62
N SER C 62 8.15 27.65 -10.58
CA SER C 62 7.14 27.90 -9.55
C SER C 62 6.56 26.55 -9.15
N LEU C 63 6.90 26.10 -7.96
CA LEU C 63 6.48 24.80 -7.46
C LEU C 63 5.34 24.86 -6.46
N TYR C 64 5.18 25.96 -5.73
CA TYR C 64 4.29 25.96 -4.57
C TYR C 64 2.85 26.27 -4.90
N GLY C 65 2.53 26.59 -6.17
CA GLY C 65 1.18 26.73 -6.61
C GLY C 65 0.68 28.15 -6.71
N GLN C 66 1.25 29.07 -5.94
CA GLN C 66 0.83 30.46 -5.99
C GLN C 66 1.51 31.23 -7.11
N GLY C 67 2.14 30.52 -8.06
CA GLY C 67 2.72 31.16 -9.23
C GLY C 67 1.68 31.75 -10.15
N GLU C 68 0.46 31.21 -10.15
CA GLU C 68 -0.61 31.83 -10.91
C GLU C 68 -0.84 33.27 -10.46
N ILE C 69 -0.58 33.59 -9.20
CA ILE C 69 -0.57 34.98 -8.76
C ILE C 69 0.77 35.64 -9.08
N ASP C 70 1.88 35.01 -8.67
CA ASP C 70 3.17 35.68 -8.71
C ASP C 70 3.67 35.93 -10.14
N CYS C 71 3.26 35.08 -11.09
CA CYS C 71 3.79 35.15 -12.44
C CYS C 71 3.14 36.22 -13.29
N LYS C 72 2.02 36.78 -12.87
CA LYS C 72 1.31 37.77 -13.65
C LYS C 72 2.10 39.08 -13.69
N GLY C 73 2.28 39.63 -14.88
CA GLY C 73 2.92 40.92 -15.03
C GLY C 73 4.40 40.89 -15.30
N LEU C 74 5.02 39.71 -15.35
CA LEU C 74 6.45 39.65 -15.63
C LEU C 74 6.76 40.19 -17.02
N ARG C 75 6.04 39.72 -18.04
CA ARG C 75 6.29 40.16 -19.41
C ARG C 75 6.22 41.69 -19.50
N GLN C 76 5.18 42.29 -18.93
CA GLN C 76 5.07 43.75 -18.96
C GLN C 76 6.29 44.40 -18.31
N LYS C 77 6.62 43.99 -17.08
CA LYS C 77 7.78 44.57 -16.41
C LYS C 77 9.07 44.34 -17.19
N CYS C 78 9.16 43.23 -17.94
CA CYS C 78 10.33 43.00 -18.78
C CYS C 78 10.36 43.98 -19.95
N ASP C 79 9.20 44.27 -20.55
CA ASP C 79 9.15 45.28 -21.60
C ASP C 79 9.58 46.64 -21.06
N GLU C 80 8.99 47.05 -19.93
CA GLU C 80 9.28 48.37 -19.36
C GLU C 80 10.73 48.49 -18.89
N ALA C 81 11.41 47.37 -18.65
CA ALA C 81 12.81 47.39 -18.25
C ALA C 81 13.78 47.33 -19.42
N GLY C 82 13.27 47.34 -20.66
CA GLY C 82 14.12 47.29 -21.82
C GLY C 82 14.40 45.90 -22.36
N LEU C 83 13.86 44.86 -21.75
CA LEU C 83 14.07 43.48 -22.18
C LEU C 83 12.94 42.99 -23.06
N GLU C 84 12.59 43.77 -24.08
CA GLU C 84 11.54 43.36 -25.01
C GLU C 84 11.95 42.08 -25.73
N GLY C 85 11.02 41.13 -25.82
CA GLY C 85 11.23 39.93 -26.59
C GLY C 85 12.06 38.85 -25.94
N ILE C 86 12.62 39.09 -24.75
CA ILE C 86 13.39 38.06 -24.06
C ILE C 86 12.51 36.81 -23.90
N LEU C 87 13.15 35.65 -23.89
CA LEU C 87 12.42 34.40 -23.68
C LEU C 87 11.99 34.27 -22.23
N LEU C 88 10.70 34.01 -22.01
CA LEU C 88 10.15 33.80 -20.68
C LEU C 88 9.63 32.37 -20.61
N TYR C 89 10.28 31.52 -19.81
CA TYR C 89 9.82 30.16 -19.56
C TYR C 89 9.25 30.07 -18.14
N VAL C 90 8.25 29.21 -17.96
CA VAL C 90 7.72 28.97 -16.63
C VAL C 90 7.39 27.48 -16.51
N GLY C 91 7.84 26.86 -15.42
CA GLY C 91 7.59 25.45 -15.21
C GLY C 91 7.51 25.11 -13.75
N GLY C 92 7.26 23.83 -13.47
CA GLY C 92 7.16 23.33 -12.11
C GLY C 92 5.79 22.78 -11.81
N ASN C 93 5.16 23.31 -10.74
CA ASN C 93 3.79 22.97 -10.34
C ASN C 93 3.05 24.30 -10.21
N ILE C 94 2.68 24.89 -11.35
CA ILE C 94 2.50 26.34 -11.41
C ILE C 94 1.13 26.83 -11.02
N VAL C 95 0.12 25.95 -10.95
CA VAL C 95 -1.18 26.31 -10.40
C VAL C 95 -1.45 25.46 -9.16
N VAL C 96 -2.46 25.87 -8.40
CA VAL C 96 -2.87 25.14 -7.19
C VAL C 96 -3.74 23.95 -7.62
N GLY C 97 -3.24 22.75 -7.43
CA GLY C 97 -4.03 21.56 -7.63
C GLY C 97 -3.88 20.97 -9.03
N LYS C 98 -4.27 19.72 -9.14
CA LYS C 98 -4.39 19.09 -10.45
C LYS C 98 -5.47 19.79 -11.26
N GLN C 99 -5.10 20.25 -12.46
CA GLN C 99 -6.01 21.00 -13.31
C GLN C 99 -5.83 20.50 -14.75
N HIS C 100 -6.81 20.79 -15.60
CA HIS C 100 -6.73 20.40 -17.00
C HIS C 100 -5.57 21.15 -17.65
N TRP C 101 -4.56 20.42 -18.13
CA TRP C 101 -3.31 21.08 -18.47
C TRP C 101 -3.44 22.10 -19.59
N PRO C 102 -4.11 21.79 -20.74
CA PRO C 102 -4.26 22.81 -21.79
C PRO C 102 -4.85 24.13 -21.30
N ASP C 103 -5.85 24.09 -20.42
CA ASP C 103 -6.33 25.33 -19.81
C ASP C 103 -5.22 26.06 -19.07
N VAL C 104 -4.40 25.33 -18.30
CA VAL C 104 -3.33 25.99 -17.56
C VAL C 104 -2.33 26.60 -18.52
N GLU C 105 -1.92 25.82 -19.53
CA GLU C 105 -0.92 26.30 -20.49
C GLU C 105 -1.36 27.59 -21.16
N LYS C 106 -2.60 27.65 -21.64
CA LYS C 106 -3.11 28.87 -22.26
C LYS C 106 -3.09 30.03 -21.27
N ARG C 107 -3.49 29.77 -20.03
CA ARG C 107 -3.55 30.84 -19.03
C ARG C 107 -2.19 31.53 -18.87
N PHE C 108 -1.12 30.75 -18.78
CA PHE C 108 0.20 31.35 -18.62
C PHE C 108 0.76 31.91 -19.93
N LYS C 109 0.46 31.29 -21.07
CA LYS C 109 0.78 31.91 -22.34
C LYS C 109 0.09 33.26 -22.47
N ASP C 110 -1.16 33.35 -22.00
CA ASP C 110 -1.87 34.63 -22.04
C ASP C 110 -1.22 35.66 -21.13
N MET C 111 -0.36 35.25 -20.19
CA MET C 111 0.39 36.21 -19.40
C MET C 111 1.66 36.69 -20.09
N GLY C 112 2.00 36.14 -21.25
CA GLY C 112 3.24 36.50 -21.91
C GLY C 112 4.40 35.55 -21.74
N TYR C 113 4.18 34.35 -21.19
CA TYR C 113 5.22 33.34 -21.12
C TYR C 113 5.33 32.62 -22.47
N ASP C 114 6.56 32.49 -22.96
CA ASP C 114 6.74 31.84 -24.25
C ASP C 114 6.48 30.35 -24.17
N ARG C 115 6.96 29.69 -23.11
CA ARG C 115 6.75 28.26 -22.96
C ARG C 115 6.35 27.95 -21.52
N VAL C 116 5.45 27.00 -21.38
CA VAL C 116 4.82 26.66 -20.11
C VAL C 116 4.92 25.15 -19.94
N TYR C 117 5.39 24.71 -18.77
CA TYR C 117 5.72 23.29 -18.54
C TYR C 117 4.92 22.70 -17.39
N ALA C 118 4.46 21.47 -17.61
CA ALA C 118 3.61 20.75 -16.67
C ALA C 118 4.46 20.11 -15.57
N PRO C 119 3.82 19.61 -14.50
CA PRO C 119 4.58 18.94 -13.44
C PRO C 119 5.45 17.81 -14.00
N GLY C 120 6.64 17.66 -13.42
CA GLY C 120 7.51 16.56 -13.77
C GLY C 120 8.26 16.71 -15.08
N THR C 121 8.28 17.90 -15.68
CA THR C 121 9.00 18.09 -16.94
C THR C 121 10.49 17.83 -16.73
N PRO C 122 11.11 16.95 -17.50
CA PRO C 122 12.57 16.78 -17.40
C PRO C 122 13.29 18.04 -17.82
N PRO C 123 14.38 18.39 -17.17
CA PRO C 123 15.19 19.52 -17.67
C PRO C 123 15.52 19.40 -19.14
N GLU C 124 15.75 18.17 -19.61
CA GLU C 124 16.20 17.94 -20.98
C GLU C 124 15.17 18.46 -21.98
N VAL C 125 13.90 18.52 -21.60
CA VAL C 125 12.88 19.10 -22.47
C VAL C 125 13.08 20.61 -22.58
N GLY C 126 13.22 21.28 -21.44
CA GLY C 126 13.51 22.71 -21.47
C GLY C 126 14.81 23.04 -22.19
N ILE C 127 15.85 22.23 -21.97
CA ILE C 127 17.13 22.47 -22.63
C ILE C 127 16.93 22.43 -24.15
N ALA C 128 16.23 21.42 -24.65
CA ALA C 128 15.99 21.29 -26.09
C ALA C 128 15.14 22.44 -26.64
N ASP C 129 14.11 22.86 -25.88
CA ASP C 129 13.30 23.98 -26.34
C ASP C 129 14.11 25.27 -26.38
N LEU C 130 14.97 25.47 -25.39
CA LEU C 130 15.73 26.71 -25.32
C LEU C 130 16.77 26.78 -26.43
N LYS C 131 17.47 25.67 -26.69
CA LYS C 131 18.39 25.64 -27.82
C LYS C 131 17.68 25.92 -29.14
N LYS C 132 16.50 25.33 -29.33
CA LYS C 132 15.73 25.61 -30.56
C LYS C 132 15.33 27.08 -30.63
N ASP C 133 14.77 27.63 -29.54
CA ASP C 133 14.31 29.03 -29.54
C ASP C 133 15.47 30.00 -29.72
N LEU C 134 16.66 29.68 -29.23
CA LEU C 134 17.82 30.52 -29.40
C LEU C 134 18.58 30.22 -30.69
N ASN C 135 18.10 29.26 -31.48
CA ASN C 135 18.72 28.90 -32.75
C ASN C 135 20.17 28.46 -32.57
N ILE C 136 20.47 27.80 -31.46
CA ILE C 136 21.80 27.26 -31.22
C ILE C 136 21.81 25.74 -31.27
N GLU C 137 20.73 25.12 -31.72
CA GLU C 137 20.70 23.68 -31.89
C GLU C 137 21.73 23.23 -32.94
N MET D 1 17.37 41.06 21.38
CA MET D 1 17.47 40.02 22.38
C MET D 1 18.66 39.13 22.06
N GLU D 2 19.41 38.72 23.08
CA GLU D 2 20.53 37.81 22.88
C GLU D 2 20.06 36.36 23.02
N LEU D 3 20.72 35.46 22.29
CA LEU D 3 20.30 34.06 22.24
C LEU D 3 21.01 33.27 23.32
N LYS D 4 20.23 32.66 24.22
CA LYS D 4 20.72 31.74 25.24
C LYS D 4 19.68 30.64 25.42
N ASN D 5 20.14 29.41 25.69
CA ASN D 5 19.18 28.35 25.95
C ASN D 5 18.72 28.45 27.41
N LYS D 6 17.90 29.47 27.65
CA LYS D 6 17.42 29.79 28.98
C LYS D 6 15.98 30.25 28.85
N LYS D 7 15.11 29.70 29.67
CA LYS D 7 13.71 30.09 29.66
C LYS D 7 13.55 31.60 29.82
N TRP D 8 12.80 32.20 28.89
CA TRP D 8 12.50 33.62 28.99
C TRP D 8 11.75 33.90 30.28
N THR D 9 12.05 35.04 30.91
CA THR D 9 11.27 35.45 32.06
C THR D 9 9.87 35.88 31.61
N ASP D 10 8.94 35.89 32.57
CA ASP D 10 7.58 36.35 32.28
C ASP D 10 7.57 37.77 31.73
N GLU D 11 8.45 38.63 32.25
CA GLU D 11 8.52 40.00 31.80
C GLU D 11 9.06 40.09 30.38
N GLU D 12 10.19 39.43 30.11
CA GLU D 12 10.75 39.39 28.76
C GLU D 12 9.71 38.89 27.77
N PHE D 13 9.06 37.78 28.10
CA PHE D 13 8.09 37.20 27.18
C PHE D 13 6.92 38.16 26.94
N HIS D 14 6.37 38.72 28.02
CA HIS D 14 5.27 39.67 27.87
C HIS D 14 5.67 40.86 27.00
N LYS D 15 6.89 41.36 27.17
CA LYS D 15 7.35 42.46 26.33
C LYS D 15 7.32 42.08 24.86
N GLN D 16 7.76 40.86 24.53
CA GLN D 16 7.75 40.42 23.15
C GLN D 16 6.31 40.27 22.63
N ARG D 17 5.41 39.72 23.46
CA ARG D 17 4.04 39.51 23.00
C ARG D 17 3.39 40.80 22.55
N GLU D 18 3.66 41.90 23.26
CA GLU D 18 3.00 43.16 22.90
C GLU D 18 3.52 43.72 21.60
N GLU D 19 4.79 43.47 21.28
CA GLU D 19 5.31 43.76 19.95
C GLU D 19 4.66 42.88 18.89
N VAL D 20 4.70 41.57 19.09
CA VAL D 20 4.23 40.60 18.09
C VAL D 20 2.76 40.83 17.74
N LEU D 21 1.92 41.08 18.74
CA LEU D 21 0.49 41.19 18.47
C LEU D 21 0.13 42.41 17.61
N GLN D 22 1.06 43.34 17.40
CA GLN D 22 0.84 44.49 16.53
C GLN D 22 1.20 44.22 15.08
N GLN D 23 1.70 43.04 14.74
CA GLN D 23 2.18 42.82 13.39
C GLN D 23 1.04 42.63 12.39
N TRP D 24 -0.19 42.52 12.86
CA TRP D 24 -1.37 42.49 12.01
C TRP D 24 -2.58 42.80 12.89
N PRO D 25 -3.63 43.43 12.35
CA PRO D 25 -4.74 43.86 13.22
C PRO D 25 -5.46 42.74 13.93
N THR D 26 -5.40 41.50 13.41
CA THR D 26 -6.00 40.37 14.09
C THR D 26 -5.30 40.03 15.40
N GLY D 27 -4.10 40.57 15.62
CA GLY D 27 -3.49 40.43 16.93
C GLY D 27 -4.32 41.00 18.05
N LYS D 28 -5.23 41.93 17.74
CA LYS D 28 -6.11 42.49 18.77
C LYS D 28 -7.13 41.49 19.26
N GLU D 29 -7.42 40.45 18.48
CA GLU D 29 -8.35 39.42 18.94
C GLU D 29 -7.73 38.47 19.95
N VAL D 30 -6.43 38.57 20.20
CA VAL D 30 -5.75 37.67 21.12
C VAL D 30 -5.81 38.27 22.52
N ASP D 31 -6.52 37.58 23.42
CA ASP D 31 -6.65 37.95 24.83
C ASP D 31 -6.23 36.73 25.62
N LEU D 32 -5.02 36.78 26.21
CA LEU D 32 -4.44 35.60 26.83
C LEU D 32 -5.33 35.06 27.94
N GLN D 33 -5.87 35.95 28.78
CA GLN D 33 -6.74 35.49 29.86
C GLN D 33 -7.96 34.82 29.29
N GLU D 34 -8.57 35.43 28.28
CA GLU D 34 -9.75 34.84 27.67
C GLU D 34 -9.41 33.54 26.94
N ALA D 35 -8.25 33.50 26.27
CA ALA D 35 -7.86 32.31 25.52
C ALA D 35 -7.68 31.09 26.44
N VAL D 36 -7.12 31.29 27.64
CA VAL D 36 -6.95 30.19 28.58
C VAL D 36 -8.30 29.56 28.93
N ASP D 37 -9.30 30.38 29.28
CA ASP D 37 -10.61 29.82 29.58
C ASP D 37 -11.18 29.07 28.38
N TYR D 38 -10.97 29.64 27.18
CA TYR D 38 -11.48 28.99 25.96
C TYR D 38 -10.81 27.64 25.73
N LEU D 39 -9.49 27.60 25.86
CA LEU D 39 -8.76 26.35 25.67
C LEU D 39 -9.20 25.30 26.69
N LYS D 40 -9.43 25.72 27.95
CA LYS D 40 -9.79 24.78 28.98
C LYS D 40 -11.18 24.20 28.79
N LYS D 41 -12.03 24.86 27.99
CA LYS D 41 -13.35 24.33 27.68
C LYS D 41 -13.36 23.35 26.50
N ILE D 42 -12.27 23.22 25.77
CA ILE D 42 -12.23 22.23 24.68
C ILE D 42 -12.24 20.83 25.28
N PRO D 43 -13.13 19.94 24.83
CA PRO D 43 -13.13 18.58 25.40
C PRO D 43 -11.83 17.86 25.06
N ALA D 44 -11.52 16.86 25.89
CA ALA D 44 -10.28 16.11 25.73
C ALA D 44 -10.18 15.48 24.34
N GLU D 45 -11.30 15.02 23.79
CA GLU D 45 -11.30 14.42 22.45
C GLU D 45 -10.75 15.38 21.40
N LYS D 46 -10.77 16.68 21.67
CA LYS D 46 -10.33 17.70 20.73
C LYS D 46 -9.05 18.39 21.19
N ASN D 47 -8.37 17.83 22.18
CA ASN D 47 -7.08 18.34 22.61
C ASN D 47 -5.97 17.47 22.05
N PHE D 48 -5.08 18.07 21.29
CA PHE D 48 -4.07 17.30 20.58
C PHE D 48 -3.12 16.61 21.55
N ALA D 49 -2.62 17.33 22.54
CA ALA D 49 -1.72 16.74 23.53
C ALA D 49 -2.37 15.55 24.21
N GLU D 50 -3.62 15.71 24.65
CA GLU D 50 -4.27 14.66 25.40
C GLU D 50 -4.55 13.44 24.53
N LYS D 51 -4.92 13.67 23.26
CA LYS D 51 -5.16 12.53 22.37
C LYS D 51 -3.87 11.78 22.05
N LEU D 52 -2.74 12.48 21.96
CA LEU D 52 -1.47 11.79 21.78
C LEU D 52 -1.18 10.86 22.95
N VAL D 53 -1.48 11.32 24.17
CA VAL D 53 -1.29 10.47 25.35
C VAL D 53 -2.12 9.21 25.24
N LEU D 54 -3.39 9.36 24.82
CA LEU D 54 -4.25 8.20 24.64
C LEU D 54 -3.72 7.28 23.55
N ALA D 55 -3.17 7.84 22.48
CA ALA D 55 -2.61 7.00 21.42
C ALA D 55 -1.45 6.16 21.95
N LYS D 56 -0.49 6.81 22.61
CA LYS D 56 0.62 6.11 23.26
C LYS D 56 0.11 5.02 24.18
N LYS D 57 -0.88 5.35 25.01
CA LYS D 57 -1.39 4.38 25.98
C LYS D 57 -1.91 3.13 25.29
N LYS D 58 -2.71 3.31 24.23
CA LYS D 58 -3.32 2.20 23.53
C LYS D 58 -2.40 1.55 22.51
N GLY D 59 -1.19 2.09 22.30
CA GLY D 59 -0.26 1.50 21.34
C GLY D 59 -0.70 1.57 19.90
N ILE D 60 -1.40 2.62 19.51
CA ILE D 60 -1.93 2.72 18.16
C ILE D 60 -1.25 3.87 17.43
N THR D 61 -1.21 3.75 16.11
CA THR D 61 -0.72 4.81 15.23
C THR D 61 -1.92 5.55 14.66
N MET D 62 -1.89 6.87 14.76
CA MET D 62 -2.97 7.73 14.28
C MET D 62 -2.57 8.40 12.98
N ALA D 63 -3.54 8.50 12.07
CA ALA D 63 -3.31 9.05 10.73
C ALA D 63 -3.73 10.51 10.73
N GLN D 64 -2.87 11.38 10.22
CA GLN D 64 -3.20 12.79 10.14
C GLN D 64 -2.86 13.29 8.74
N PRO D 65 -3.80 13.93 8.04
CA PRO D 65 -3.48 14.47 6.70
C PRO D 65 -2.92 15.87 6.79
N ARG D 66 -2.60 16.47 5.64
CA ARG D 66 -2.36 17.89 5.49
C ARG D 66 -3.52 18.47 4.66
N ALA D 67 -3.88 19.73 4.91
CA ALA D 67 -5.04 20.30 4.23
C ALA D 67 -5.13 21.79 4.55
N GLY D 68 -5.49 22.59 3.52
CA GLY D 68 -5.70 24.02 3.68
C GLY D 68 -6.09 24.75 2.39
N VAL D 69 -7.04 25.68 2.49
CA VAL D 69 -7.51 26.50 1.37
C VAL D 69 -7.77 27.91 1.88
N ALA D 70 -7.84 28.87 0.94
CA ALA D 70 -7.89 30.28 1.30
C ALA D 70 -9.10 30.63 2.17
N LEU D 71 -10.28 30.16 1.80
CA LEU D 71 -11.54 30.66 2.35
C LEU D 71 -12.04 29.80 3.51
N LEU D 72 -12.68 30.48 4.48
CA LEU D 72 -13.00 29.86 5.76
C LEU D 72 -13.99 28.70 5.61
N ASP D 73 -15.14 28.96 4.98
CA ASP D 73 -16.16 27.90 4.86
C ASP D 73 -15.65 26.75 4.03
N GLU D 74 -14.94 27.04 2.93
CA GLU D 74 -14.36 25.97 2.12
C GLU D 74 -13.38 25.13 2.93
N HIS D 75 -12.54 25.78 3.73
CA HIS D 75 -11.59 25.08 4.61
C HIS D 75 -12.31 24.21 5.62
N ILE D 76 -13.38 24.72 6.22
CA ILE D 76 -14.16 23.91 7.17
C ILE D 76 -14.73 22.69 6.47
N GLU D 77 -15.38 22.89 5.31
CA GLU D 77 -15.95 21.76 4.58
C GLU D 77 -14.88 20.74 4.21
N LEU D 78 -13.71 21.23 3.81
CA LEU D 78 -12.57 20.34 3.56
C LEU D 78 -12.26 19.48 4.79
N LEU D 79 -12.03 20.13 5.94
CA LEU D 79 -11.65 19.37 7.13
C LEU D 79 -12.74 18.39 7.54
N ARG D 80 -14.01 18.78 7.44
CA ARG D 80 -15.10 17.87 7.79
C ARG D 80 -15.09 16.64 6.88
N TYR D 81 -14.84 16.85 5.59
CA TYR D 81 -14.77 15.72 4.68
C TYR D 81 -13.66 14.75 5.07
N LEU D 82 -12.47 15.29 5.40
CA LEU D 82 -11.34 14.44 5.80
C LEU D 82 -11.63 13.73 7.12
N GLN D 83 -12.34 14.40 8.01
CA GLN D 83 -12.77 13.78 9.26
C GLN D 83 -13.80 12.69 9.00
N ASP D 84 -14.88 13.03 8.32
CA ASP D 84 -16.02 12.13 8.18
C ASP D 84 -15.77 11.06 7.13
N GLU D 85 -15.46 11.47 5.89
CA GLU D 85 -15.24 10.49 4.85
C GLU D 85 -13.82 9.93 4.88
N GLY D 86 -12.82 10.73 5.26
CA GLY D 86 -11.47 10.21 5.35
C GLY D 86 -11.24 9.35 6.56
N GLY D 87 -11.90 9.65 7.67
CA GLY D 87 -11.63 8.95 8.92
C GLY D 87 -10.39 9.40 9.64
N ALA D 88 -9.93 10.64 9.42
CA ALA D 88 -8.74 11.16 10.06
C ALA D 88 -8.81 11.02 11.58
N ASP D 89 -7.63 10.77 12.19
CA ASP D 89 -7.52 10.76 13.65
C ASP D 89 -7.15 12.13 14.22
N PHE D 90 -6.48 12.96 13.43
CA PHE D 90 -6.14 14.33 13.82
C PHE D 90 -6.37 15.22 12.62
N LEU D 91 -6.65 16.52 12.88
CA LEU D 91 -6.81 17.38 11.71
C LEU D 91 -5.70 18.41 11.62
N PRO D 92 -5.19 18.65 10.42
CA PRO D 92 -4.26 19.75 10.21
C PRO D 92 -5.03 21.04 9.94
N SER D 93 -4.30 22.14 9.95
CA SER D 93 -4.64 23.24 9.06
C SER D 93 -3.31 23.73 8.50
N THR D 94 -3.09 23.48 7.21
CA THR D 94 -1.86 23.85 6.53
C THR D 94 -1.94 25.32 6.14
N ILE D 95 -0.99 26.09 6.62
CA ILE D 95 -0.95 27.53 6.38
C ILE D 95 -0.39 27.81 4.99
N ASP D 96 -0.91 28.84 4.32
CA ASP D 96 -0.39 29.20 3.02
C ASP D 96 1.01 29.80 3.13
N ALA D 97 1.71 29.84 2.00
CA ALA D 97 3.10 30.30 1.99
C ALA D 97 3.26 31.81 2.12
N TYR D 98 2.25 32.61 1.80
CA TYR D 98 2.37 34.04 2.05
C TYR D 98 2.43 34.31 3.56
N THR D 99 1.55 33.66 4.33
CA THR D 99 1.61 33.73 5.79
C THR D 99 2.97 33.32 6.32
N ARG D 100 3.52 32.20 5.81
CA ARG D 100 4.81 31.70 6.28
C ARG D 100 5.92 32.72 6.06
N GLN D 101 5.77 33.60 5.07
CA GLN D 101 6.73 34.69 4.87
C GLN D 101 6.20 36.01 5.40
N ASN D 102 5.16 35.97 6.24
CA ASN D 102 4.64 37.16 6.94
C ASN D 102 4.10 38.19 5.97
N ARG D 103 3.60 37.75 4.81
CA ARG D 103 3.07 38.67 3.81
C ARG D 103 1.54 38.61 3.83
N TYR D 104 0.99 39.12 4.94
CA TYR D 104 -0.47 39.08 5.11
C TYR D 104 -1.19 39.94 4.10
N ASP D 105 -0.53 40.97 3.55
CA ASP D 105 -1.12 41.68 2.41
C ASP D 105 -1.38 40.72 1.25
N GLU D 106 -0.40 39.90 0.90
CA GLU D 106 -0.60 38.96 -0.20
C GLU D 106 -1.63 37.89 0.14
N CYS D 107 -1.70 37.49 1.42
CA CYS D 107 -2.80 36.63 1.86
C CYS D 107 -4.14 37.26 1.53
N GLU D 108 -4.31 38.53 1.91
CA GLU D 108 -5.58 39.21 1.68
C GLU D 108 -5.92 39.25 0.20
N ASN D 109 -4.94 39.58 -0.65
CA ASN D 109 -5.23 39.57 -2.08
C ASN D 109 -5.61 38.18 -2.56
N GLY D 110 -4.93 37.14 -2.05
CA GLY D 110 -5.26 35.78 -2.46
C GLY D 110 -6.63 35.34 -2.01
N ILE D 111 -7.06 35.79 -0.82
CA ILE D 111 -8.45 35.56 -0.41
C ILE D 111 -9.41 36.17 -1.42
N LYS D 112 -9.19 37.43 -1.79
CA LYS D 112 -10.08 38.08 -2.76
C LYS D 112 -10.05 37.37 -4.11
N GLU D 113 -8.87 36.99 -4.58
CA GLU D 113 -8.80 36.29 -5.86
C GLU D 113 -9.44 34.91 -5.78
N SER D 114 -9.31 34.24 -4.63
CA SER D 114 -9.94 32.94 -4.44
C SER D 114 -11.46 33.06 -4.44
N GLU D 115 -11.99 34.15 -3.87
CA GLU D 115 -13.44 34.37 -3.91
C GLU D 115 -13.91 34.59 -5.34
N LYS D 116 -13.17 35.41 -6.10
CA LYS D 116 -13.53 35.69 -7.48
C LYS D 116 -13.47 34.43 -8.34
N ALA D 117 -12.41 33.63 -8.18
CA ALA D 117 -12.23 32.45 -9.01
C ALA D 117 -13.08 31.26 -8.57
N GLY D 118 -13.62 31.27 -7.36
CA GLY D 118 -14.35 30.11 -6.88
C GLY D 118 -13.47 28.90 -6.57
N ARG D 119 -12.17 29.10 -6.46
CA ARG D 119 -11.24 28.05 -6.07
C ARG D 119 -10.07 28.72 -5.37
N SER D 120 -9.31 27.94 -4.61
CA SER D 120 -8.26 28.51 -3.77
C SER D 120 -7.04 28.81 -4.64
N LEU D 121 -6.66 30.09 -4.71
CA LEU D 121 -5.39 30.49 -5.29
C LEU D 121 -4.26 30.49 -4.26
N LEU D 122 -4.58 30.37 -2.98
CA LEU D 122 -3.59 30.16 -1.94
C LEU D 122 -3.36 28.66 -1.76
N ASN D 123 -2.11 28.29 -1.44
CA ASN D 123 -1.76 26.90 -1.18
C ASN D 123 -1.98 26.49 0.27
N GLY D 124 -2.79 27.24 1.02
CA GLY D 124 -3.08 26.86 2.38
C GLY D 124 -4.04 27.85 2.99
N PHE D 125 -4.16 27.78 4.31
CA PHE D 125 -5.16 28.54 5.04
C PHE D 125 -4.48 29.74 5.67
N PRO D 126 -4.88 30.97 5.33
CA PRO D 126 -4.19 32.16 5.89
C PRO D 126 -4.68 32.48 7.30
N GLY D 127 -4.11 31.74 8.26
CA GLY D 127 -4.61 31.77 9.63
C GLY D 127 -4.51 33.13 10.30
N VAL D 128 -3.47 33.89 9.98
CA VAL D 128 -3.32 35.21 10.61
C VAL D 128 -4.42 36.15 10.13
N ASN D 129 -4.72 36.15 8.83
CA ASN D 129 -5.75 37.03 8.32
C ASN D 129 -7.13 36.62 8.83
N HIS D 130 -7.38 35.32 8.95
CA HIS D 130 -8.67 34.88 9.46
C HIS D 130 -8.82 35.11 10.95
N GLY D 131 -7.72 35.30 11.68
CA GLY D 131 -7.78 35.72 13.06
C GLY D 131 -8.18 34.61 13.99
N VAL D 132 -8.23 34.97 15.28
CA VAL D 132 -8.76 34.05 16.30
C VAL D 132 -10.20 33.68 15.97
N LYS D 133 -10.98 34.67 15.50
CA LYS D 133 -12.37 34.43 15.15
C LYS D 133 -12.49 33.35 14.09
N GLY D 134 -11.71 33.45 13.02
CA GLY D 134 -11.73 32.42 12.00
C GLY D 134 -11.21 31.10 12.51
N CYS D 135 -10.10 31.13 13.25
CA CYS D 135 -9.52 29.85 13.68
C CYS D 135 -10.43 29.14 14.68
N ARG D 136 -11.16 29.89 15.50
CA ARG D 136 -12.10 29.25 16.41
C ARG D 136 -13.28 28.66 15.66
N LYS D 137 -13.68 29.28 14.54
CA LYS D 137 -14.77 28.74 13.75
C LYS D 137 -14.40 27.40 13.14
N VAL D 138 -13.14 27.25 12.70
CA VAL D 138 -12.66 25.94 12.26
C VAL D 138 -12.74 24.92 13.39
N LEU D 139 -12.20 25.29 14.56
CA LEU D 139 -12.21 24.35 15.68
C LEU D 139 -13.63 23.95 16.06
N GLU D 140 -14.55 24.92 16.13
CA GLU D 140 -15.91 24.60 16.54
C GLU D 140 -16.66 23.76 15.49
N ALA D 141 -16.18 23.72 14.26
CA ALA D 141 -16.87 22.99 13.21
C ALA D 141 -16.41 21.55 13.06
N VAL D 142 -15.32 21.13 13.73
CA VAL D 142 -14.80 19.79 13.62
C VAL D 142 -14.93 19.07 14.96
N ASN D 143 -14.67 17.75 14.95
CA ASN D 143 -14.75 16.92 16.16
C ASN D 143 -13.42 16.28 16.51
N LEU D 144 -12.31 16.80 16.00
CA LEU D 144 -10.98 16.25 16.21
C LEU D 144 -10.03 17.36 16.63
N PRO D 145 -8.90 17.01 17.27
CA PRO D 145 -7.93 18.06 17.62
C PRO D 145 -7.33 18.71 16.38
N LEU D 146 -6.96 19.99 16.53
CA LEU D 146 -6.46 20.80 15.43
C LEU D 146 -5.00 21.18 15.68
N GLN D 147 -4.18 21.04 14.65
CA GLN D 147 -2.78 21.43 14.67
C GLN D 147 -2.47 22.34 13.48
N ALA D 148 -1.76 23.43 13.73
CA ALA D 148 -1.21 24.23 12.63
C ALA D 148 0.02 23.52 12.08
N ARG D 149 -0.01 23.24 10.77
CA ARG D 149 1.13 22.67 10.05
C ARG D 149 1.56 23.66 8.99
N HIS D 150 2.84 24.02 8.98
CA HIS D 150 3.26 25.10 8.10
C HIS D 150 4.74 24.99 7.75
N GLY D 151 5.49 26.05 8.01
CA GLY D 151 6.89 26.13 7.62
C GLY D 151 7.30 27.58 7.63
N THR D 152 7.36 28.15 8.84
CA THR D 152 7.37 29.60 9.05
C THR D 152 8.55 29.96 9.94
N PRO D 153 9.56 30.67 9.42
CA PRO D 153 10.68 31.08 10.28
C PRO D 153 10.27 31.97 11.43
N ASP D 154 9.34 32.90 11.21
CA ASP D 154 8.85 33.82 12.23
C ASP D 154 7.36 33.52 12.40
N SER D 155 7.05 32.66 13.36
CA SER D 155 5.71 32.13 13.57
C SER D 155 5.04 32.71 14.81
N ARG D 156 5.58 33.81 15.34
CA ARG D 156 5.18 34.27 16.66
C ARG D 156 3.72 34.68 16.67
N LEU D 157 3.33 35.55 15.74
CA LEU D 157 1.94 36.00 15.66
C LEU D 157 1.00 34.85 15.28
N LEU D 158 1.39 34.05 14.28
CA LEU D 158 0.60 32.88 13.89
C LEU D 158 0.32 31.98 15.08
N ALA D 159 1.37 31.71 15.87
CA ALA D 159 1.22 30.86 17.06
C ALA D 159 0.21 31.46 18.03
N GLU D 160 0.34 32.77 18.31
CA GLU D 160 -0.60 33.46 19.17
C GLU D 160 -2.03 33.27 18.67
N ILE D 161 -2.24 33.45 17.38
CA ILE D 161 -3.60 33.41 16.84
C ILE D 161 -4.16 31.99 16.86
N ILE D 162 -3.37 30.99 16.43
CA ILE D 162 -3.93 29.65 16.31
C ILE D 162 -4.12 29.00 17.68
N HIS D 163 -3.26 29.28 18.66
CA HIS D 163 -3.50 28.73 19.99
C HIS D 163 -4.69 29.40 20.64
N ALA D 164 -4.76 30.74 20.59
CA ALA D 164 -5.95 31.43 21.07
C ALA D 164 -7.18 31.02 20.27
N GLY D 165 -6.98 30.51 19.05
CA GLY D 165 -8.04 29.95 18.23
C GLY D 165 -8.46 28.54 18.58
N GLY D 166 -7.90 27.94 19.63
CA GLY D 166 -8.29 26.61 20.04
C GLY D 166 -7.48 25.50 19.41
N TRP D 167 -6.49 25.81 18.59
CA TRP D 167 -5.68 24.76 18.00
C TRP D 167 -4.61 24.39 19.02
N THR D 168 -4.60 23.13 19.43
CA THR D 168 -3.81 22.66 20.56
C THR D 168 -2.54 21.93 20.14
N SER D 169 -2.07 22.17 18.92
CA SER D 169 -0.72 21.77 18.56
C SER D 169 -0.16 22.78 17.58
N ASN D 170 1.14 23.05 17.67
CA ASN D 170 1.84 23.84 16.67
C ASN D 170 3.08 23.06 16.23
N GLU D 171 3.22 22.89 14.92
CA GLU D 171 4.37 22.24 14.34
C GLU D 171 5.46 23.28 14.10
N GLY D 172 6.71 22.83 14.20
CA GLY D 172 7.80 23.69 13.80
C GLY D 172 8.96 23.71 14.77
N GLY D 173 9.99 24.47 14.42
CA GLY D 173 11.17 24.59 15.24
C GLY D 173 12.12 25.57 14.59
N GLY D 174 13.06 26.06 15.40
CA GLY D 174 13.96 27.12 14.95
C GLY D 174 14.88 26.68 13.84
N ILE D 175 15.16 25.39 13.73
CA ILE D 175 15.93 24.85 12.61
C ILE D 175 15.03 24.34 11.50
N SER D 176 14.06 23.49 11.85
CA SER D 176 13.31 22.75 10.84
C SER D 176 12.35 23.64 10.08
N TYR D 177 11.91 24.76 10.68
CA TYR D 177 11.10 25.74 9.97
C TYR D 177 11.91 26.96 9.54
N ASN D 178 13.24 26.84 9.49
CA ASN D 178 14.09 27.83 8.84
C ASN D 178 14.76 27.22 7.62
N VAL D 179 15.73 26.32 7.82
CA VAL D 179 16.62 25.93 6.72
C VAL D 179 15.87 25.39 5.50
N PRO D 180 14.85 24.52 5.63
CA PRO D 180 14.11 24.10 4.42
C PRO D 180 13.14 25.15 3.89
N TYR D 181 12.95 26.26 4.59
CA TYR D 181 11.81 27.14 4.33
C TYR D 181 12.24 28.60 4.13
N ALA D 182 13.53 28.90 4.12
CA ALA D 182 13.98 30.27 4.16
C ALA D 182 15.33 30.36 3.48
N LYS D 183 15.71 31.58 3.16
CA LYS D 183 16.95 31.88 2.46
C LYS D 183 17.83 32.85 3.23
N ASN D 184 17.24 33.90 3.81
CA ASN D 184 18.00 35.01 4.39
C ASN D 184 17.85 35.11 5.90
N VAL D 185 17.21 34.15 6.55
CA VAL D 185 16.94 34.23 7.99
C VAL D 185 18.10 33.58 8.72
N THR D 186 18.77 34.33 9.59
CA THR D 186 19.85 33.73 10.38
C THR D 186 19.28 32.67 11.31
N ILE D 187 20.12 31.66 11.60
CA ILE D 187 19.75 30.64 12.56
C ILE D 187 19.45 31.26 13.92
N GLU D 188 20.25 32.24 14.33
CA GLU D 188 20.01 32.89 15.61
C GLU D 188 18.61 33.50 15.66
N LYS D 189 18.17 34.14 14.58
CA LYS D 189 16.87 34.81 14.60
C LYS D 189 15.71 33.82 14.64
N SER D 190 15.78 32.72 13.86
CA SER D 190 14.70 31.75 13.88
C SER D 190 14.66 30.99 15.20
N LEU D 191 15.83 30.70 15.79
CA LEU D 191 15.86 30.10 17.11
C LEU D 191 15.20 31.01 18.16
N LEU D 192 15.48 32.31 18.09
CA LEU D 192 14.87 33.26 19.01
C LEU D 192 13.35 33.34 18.82
N ASP D 193 12.90 33.43 17.57
CA ASP D 193 11.46 33.54 17.33
C ASP D 193 10.76 32.23 17.64
N TRP D 194 11.45 31.10 17.50
CA TRP D 194 10.84 29.86 17.92
C TRP D 194 10.92 29.67 19.42
N GLN D 195 11.94 30.23 20.08
CA GLN D 195 11.89 30.31 21.54
C GLN D 195 10.58 30.96 21.98
N TYR D 196 10.14 31.98 21.25
CA TYR D 196 8.84 32.60 21.54
C TYR D 196 7.69 31.60 21.43
N CYS D 197 7.63 30.87 20.31
CA CYS D 197 6.52 29.92 20.13
C CYS D 197 6.56 28.85 21.20
N ASP D 198 7.76 28.39 21.56
CA ASP D 198 7.89 27.43 22.65
C ASP D 198 7.51 28.05 23.98
N ARG D 199 7.87 29.32 24.19
CA ARG D 199 7.57 29.97 25.47
C ARG D 199 6.08 30.26 25.63
N LEU D 200 5.38 30.51 24.52
CA LEU D 200 3.94 30.65 24.57
C LEU D 200 3.28 29.35 25.03
N VAL D 201 3.72 28.22 24.48
CA VAL D 201 3.22 26.94 24.95
C VAL D 201 3.60 26.74 26.42
N GLY D 202 4.79 27.17 26.81
CA GLY D 202 5.19 27.03 28.19
C GLY D 202 4.30 27.81 29.14
N PHE D 203 3.89 29.02 28.74
CA PHE D 203 2.93 29.80 29.51
C PHE D 203 1.62 29.04 29.66
N TYR D 204 1.11 28.52 28.55
CA TYR D 204 -0.15 27.79 28.56
C TYR D 204 -0.08 26.57 29.47
N GLU D 205 1.04 25.83 29.42
CA GLU D 205 1.20 24.69 30.32
C GLU D 205 1.20 25.14 31.78
N GLU D 206 1.79 26.30 32.06
CA GLU D 206 1.82 26.78 33.44
C GLU D 206 0.43 27.09 33.95
N GLN D 207 -0.50 27.43 33.05
CA GLN D 207 -1.90 27.61 33.43
C GLN D 207 -2.67 26.30 33.41
N GLY D 208 -2.03 25.18 33.10
CA GLY D 208 -2.72 23.90 33.02
C GLY D 208 -3.38 23.60 31.69
N VAL D 209 -3.04 24.33 30.63
CA VAL D 209 -3.54 24.08 29.28
C VAL D 209 -2.46 23.30 28.53
N HIS D 210 -2.83 22.14 27.99
CA HIS D 210 -1.88 21.22 27.38
C HIS D 210 -1.86 21.44 25.87
N ILE D 211 -0.68 21.71 25.33
CA ILE D 211 -0.52 22.02 23.91
C ILE D 211 0.70 21.29 23.40
N ASN D 212 0.53 20.56 22.29
CA ASN D 212 1.58 19.75 21.71
C ASN D 212 2.47 20.61 20.82
N ARG D 213 3.74 20.25 20.75
CA ARG D 213 4.68 20.88 19.84
C ARG D 213 5.37 19.78 19.05
N GLU D 214 5.50 19.99 17.74
CA GLU D 214 6.04 18.99 16.82
C GLU D 214 7.15 19.59 15.96
N PRO D 215 8.41 19.40 16.32
CA PRO D 215 9.50 19.73 15.39
C PRO D 215 9.31 19.02 14.05
N PHE D 216 9.70 19.70 12.96
CA PHE D 216 9.48 19.20 11.60
C PHE D 216 10.64 18.33 11.16
N GLY D 217 10.55 17.04 11.48
CA GLY D 217 11.61 16.09 11.22
C GLY D 217 12.16 15.99 9.81
N PRO D 218 11.28 15.90 8.79
CA PRO D 218 11.79 15.62 7.43
C PRO D 218 12.64 16.71 6.82
N LEU D 219 12.59 17.95 7.32
CA LEU D 219 13.42 19.03 6.80
C LEU D 219 13.18 19.25 5.30
N THR D 220 14.17 18.95 4.45
CA THR D 220 14.03 19.19 3.02
C THR D 220 13.41 18.00 2.28
N GLY D 221 13.04 16.93 2.98
CA GLY D 221 12.39 15.78 2.39
C GLY D 221 13.23 15.05 1.36
N THR D 222 14.53 15.35 1.31
CA THR D 222 15.39 14.94 0.20
C THR D 222 16.65 14.26 0.74
N LEU D 223 16.52 12.94 0.94
CA LEU D 223 17.64 12.08 1.35
C LEU D 223 18.32 12.58 2.62
N VAL D 224 17.55 12.97 3.63
CA VAL D 224 18.17 13.43 4.87
C VAL D 224 18.60 12.22 5.70
N PRO D 225 19.90 12.05 5.94
CA PRO D 225 20.36 10.90 6.74
C PRO D 225 19.72 10.93 8.12
N PRO D 226 19.32 9.77 8.63
CA PRO D 226 18.63 9.74 9.93
C PRO D 226 19.38 10.44 11.07
N SER D 227 20.71 10.31 11.12
CA SER D 227 21.43 10.90 12.25
C SER D 227 21.43 12.43 12.17
N MET D 228 21.46 13.00 10.96
CA MET D 228 21.37 14.46 10.86
C MET D 228 19.96 14.93 11.20
N SER D 229 18.94 14.24 10.66
CA SER D 229 17.56 14.58 10.96
C SER D 229 17.28 14.47 12.45
N ASN D 230 17.75 13.39 13.08
CA ASN D 230 17.45 13.17 14.51
C ASN D 230 18.16 14.20 15.38
N ALA D 231 19.40 14.56 15.04
CA ALA D 231 20.08 15.60 15.79
C ALA D 231 19.28 16.90 15.79
N VAL D 232 18.68 17.26 14.65
CA VAL D 232 17.82 18.45 14.59
C VAL D 232 16.63 18.29 15.54
N GLY D 233 15.95 17.15 15.47
CA GLY D 233 14.74 16.98 16.26
C GLY D 233 15.01 16.93 17.76
N ILE D 234 16.08 16.25 18.17
CA ILE D 234 16.48 16.24 19.58
C ILE D 234 16.79 17.66 20.04
N THR D 235 17.55 18.41 19.23
CA THR D 235 17.86 19.80 19.55
C THR D 235 16.59 20.63 19.74
N GLU D 236 15.68 20.57 18.77
CA GLU D 236 14.46 21.37 18.88
C GLU D 236 13.62 20.92 20.07
N ALA D 237 13.61 19.62 20.38
CA ALA D 237 12.90 19.15 21.56
C ALA D 237 13.52 19.72 22.83
N LEU D 238 14.85 19.72 22.92
CA LEU D 238 15.51 20.28 24.10
C LEU D 238 15.28 21.78 24.20
N LEU D 239 15.34 22.50 23.07
CA LEU D 239 15.15 23.95 23.11
C LEU D 239 13.72 24.31 23.48
N ALA D 240 12.76 23.46 23.12
CA ALA D 240 11.37 23.70 23.49
C ALA D 240 11.14 23.41 24.97
N ALA D 241 11.71 22.32 25.46
CA ALA D 241 11.51 21.96 26.87
C ALA D 241 12.04 23.06 27.78
N GLU D 242 13.14 23.70 27.37
CA GLU D 242 13.71 24.75 28.21
C GLU D 242 12.75 25.93 28.36
N GLN D 243 11.90 26.19 27.36
CA GLN D 243 10.92 27.26 27.47
C GLN D 243 9.62 26.80 28.13
N GLY D 244 9.54 25.56 28.58
CA GLY D 244 8.37 25.05 29.29
C GLY D 244 7.45 24.13 28.51
N VAL D 245 7.79 23.76 27.28
CA VAL D 245 6.97 22.80 26.54
C VAL D 245 7.02 21.45 27.24
N LYS D 246 5.87 20.80 27.36
CA LYS D 246 5.74 19.55 28.10
C LYS D 246 5.26 18.37 27.25
N ASN D 247 4.75 18.62 26.06
CA ASN D 247 4.19 17.55 25.22
C ASN D 247 4.77 17.74 23.83
N ILE D 248 5.65 16.82 23.43
CA ILE D 248 6.45 17.02 22.22
C ILE D 248 6.36 15.78 21.34
N THR D 249 6.08 15.98 20.04
CA THR D 249 6.11 14.92 19.04
C THR D 249 7.34 15.13 18.16
N VAL D 250 8.35 14.25 18.30
CA VAL D 250 9.53 14.34 17.44
C VAL D 250 9.24 13.56 16.17
N GLY D 251 9.66 14.11 15.02
CA GLY D 251 9.30 13.56 13.73
C GLY D 251 10.46 13.04 12.92
N TYR D 252 10.17 12.17 11.95
CA TYR D 252 11.18 11.61 11.06
C TYR D 252 10.57 11.36 9.69
N GLY D 253 11.31 11.70 8.64
CA GLY D 253 10.84 11.49 7.28
C GLY D 253 11.36 10.17 6.74
N GLU D 254 10.45 9.37 6.19
CA GLU D 254 10.82 8.08 5.62
C GLU D 254 11.99 8.23 4.66
N CYS D 255 12.99 7.37 4.81
CA CYS D 255 14.02 7.24 3.79
C CYS D 255 13.77 6.07 2.85
N GLY D 256 13.08 5.02 3.31
CA GLY D 256 12.57 3.98 2.44
C GLY D 256 13.03 2.58 2.79
N ASN D 257 14.24 2.45 3.34
CA ASN D 257 14.66 1.15 3.88
C ASN D 257 13.99 0.94 5.23
N MET D 258 13.16 -0.10 5.32
CA MET D 258 12.35 -0.30 6.52
C MET D 258 13.21 -0.40 7.78
N ILE D 259 14.28 -1.19 7.75
CA ILE D 259 15.11 -1.33 8.94
C ILE D 259 15.77 -0.01 9.30
N GLN D 260 16.26 0.73 8.30
CA GLN D 260 16.85 2.04 8.59
C GLN D 260 15.82 2.96 9.22
N ASP D 261 14.62 3.03 8.62
CA ASP D 261 13.57 3.92 9.11
C ASP D 261 13.10 3.56 10.52
N ILE D 262 12.92 2.26 10.78
CA ILE D 262 12.52 1.85 12.13
C ILE D 262 13.62 2.14 13.13
N ALA D 263 14.86 1.81 12.78
CA ALA D 263 16.01 2.24 13.58
C ALA D 263 15.97 3.74 13.83
N ALA D 264 15.71 4.53 12.79
CA ALA D 264 15.71 5.98 12.93
C ALA D 264 14.66 6.46 13.91
N LEU D 265 13.43 5.96 13.82
CA LEU D 265 12.37 6.42 14.70
C LEU D 265 12.62 5.97 16.13
N ARG D 266 13.16 4.77 16.33
CA ARG D 266 13.42 4.33 17.69
C ARG D 266 14.60 5.09 18.29
N CYS D 267 15.67 5.31 17.52
CA CYS D 267 16.75 6.14 18.02
C CYS D 267 16.28 7.53 18.36
N LEU D 268 15.43 8.11 17.50
CA LEU D 268 14.93 9.46 17.75
C LEU D 268 14.17 9.52 19.08
N GLU D 269 13.25 8.57 19.28
CA GLU D 269 12.47 8.60 20.51
C GLU D 269 13.35 8.30 21.71
N GLU D 270 14.23 7.30 21.60
CA GLU D 270 15.07 6.93 22.74
C GLU D 270 16.03 8.05 23.11
N GLN D 271 16.70 8.64 22.13
CA GLN D 271 17.66 9.67 22.47
C GLN D 271 16.99 10.99 22.81
N THR D 272 15.78 11.25 22.32
CA THR D 272 15.06 12.42 22.80
C THR D 272 14.76 12.29 24.28
N ASN D 273 14.20 11.14 24.70
CA ASN D 273 13.94 10.93 26.11
C ASN D 273 15.24 10.97 26.91
N GLU D 274 16.28 10.29 26.42
CA GLU D 274 17.55 10.27 27.13
C GLU D 274 18.09 11.68 27.33
N TYR D 275 18.12 12.47 26.25
CA TYR D 275 18.63 13.83 26.35
C TYR D 275 17.77 14.70 27.23
N LEU D 276 16.44 14.60 27.10
CA LEU D 276 15.57 15.39 27.96
C LEU D 276 15.86 15.11 29.43
N LYS D 277 16.00 13.82 29.78
CA LYS D 277 16.21 13.46 31.18
C LYS D 277 17.62 13.81 31.64
N ALA D 278 18.61 13.69 30.75
CA ALA D 278 19.97 14.09 31.09
C ALA D 278 20.05 15.58 31.42
N TYR D 279 19.24 16.41 30.75
CA TYR D 279 19.27 17.85 30.98
C TYR D 279 18.18 18.29 31.96
N GLY D 280 17.62 17.37 32.74
CA GLY D 280 16.73 17.70 33.84
C GLY D 280 15.28 17.92 33.48
N TYR D 281 14.88 17.73 32.23
CA TYR D 281 13.48 17.87 31.82
C TYR D 281 12.81 16.53 32.03
N ASN D 282 12.17 16.37 33.20
CA ASN D 282 11.70 15.08 33.67
C ASN D 282 10.20 14.87 33.56
N ASP D 283 9.45 15.86 33.07
CA ASP D 283 8.01 15.72 32.96
C ASP D 283 7.53 15.95 31.53
N VAL D 284 8.33 15.55 30.54
CA VAL D 284 7.99 15.79 29.14
C VAL D 284 7.44 14.51 28.54
N PHE D 285 6.29 14.60 27.89
CA PHE D 285 5.65 13.45 27.28
C PHE D 285 6.03 13.42 25.80
N VAL D 286 6.79 12.41 25.40
CA VAL D 286 7.33 12.34 24.04
C VAL D 286 6.55 11.32 23.22
N THR D 287 6.13 11.75 22.03
CA THR D 287 5.56 10.88 21.02
C THR D 287 6.36 11.07 19.73
N THR D 288 6.07 10.21 18.75
CA THR D 288 6.76 10.26 17.48
C THR D 288 5.76 10.43 16.35
N VAL D 289 6.20 11.05 15.27
CA VAL D 289 5.43 11.10 14.03
C VAL D 289 6.33 10.65 12.89
N PHE D 290 5.80 9.74 12.07
CA PHE D 290 6.50 9.22 10.89
C PHE D 290 5.84 9.83 9.65
N HIS D 291 6.63 10.49 8.82
CA HIS D 291 6.10 11.08 7.59
C HIS D 291 6.28 10.11 6.43
N GLN D 292 5.19 9.76 5.77
CA GLN D 292 5.31 8.99 4.54
C GLN D 292 6.17 9.78 3.55
N TRP D 293 6.99 9.04 2.79
CA TRP D 293 7.90 9.55 1.76
C TRP D 293 7.70 11.02 1.40
N MET D 294 8.67 11.86 1.76
CA MET D 294 8.57 13.29 1.51
C MET D 294 9.30 13.76 0.25
N GLY D 295 9.89 12.83 -0.51
CA GLY D 295 10.52 13.16 -1.78
C GLY D 295 9.53 13.15 -2.93
N GLY D 296 10.07 13.30 -4.15
CA GLY D 296 9.26 13.24 -5.34
C GLY D 296 8.41 11.98 -5.40
N PHE D 297 7.14 12.12 -5.72
CA PHE D 297 6.21 11.03 -5.86
C PHE D 297 6.07 10.61 -7.32
N PRO D 298 5.73 9.36 -7.60
CA PRO D 298 5.29 9.01 -8.95
C PRO D 298 3.98 9.72 -9.27
N GLN D 299 3.82 10.07 -10.56
CA GLN D 299 2.59 10.69 -11.01
C GLN D 299 1.42 9.70 -11.09
N ASP D 300 1.70 8.44 -11.40
CA ASP D 300 0.65 7.43 -11.51
C ASP D 300 0.00 7.17 -10.16
N GLU D 301 -1.33 7.25 -10.10
CA GLU D 301 -1.99 7.23 -8.80
C GLU D 301 -1.90 5.86 -8.13
N SER D 302 -1.92 4.78 -8.91
CA SER D 302 -1.73 3.46 -8.31
C SER D 302 -0.34 3.33 -7.72
N LYS D 303 0.67 3.81 -8.45
CA LYS D 303 2.03 3.81 -7.90
C LYS D 303 2.09 4.66 -6.64
N ALA D 304 1.39 5.81 -6.64
CA ALA D 304 1.34 6.64 -5.44
C ALA D 304 0.77 5.86 -4.26
N PHE D 305 -0.30 5.10 -4.47
CA PHE D 305 -0.79 4.24 -3.39
C PHE D 305 0.30 3.27 -2.93
N GLY D 306 1.11 2.76 -3.87
CA GLY D 306 2.20 1.88 -3.49
C GLY D 306 3.18 2.54 -2.53
N VAL D 307 3.47 3.82 -2.75
CA VAL D 307 4.33 4.56 -1.82
C VAL D 307 3.61 4.82 -0.51
N ILE D 308 2.38 5.34 -0.59
CA ILE D 308 1.60 5.67 0.60
C ILE D 308 1.56 4.49 1.58
N VAL D 309 1.27 3.30 1.07
CA VAL D 309 0.97 2.18 1.94
C VAL D 309 2.23 1.45 2.40
N THR D 310 3.24 1.30 1.53
CA THR D 310 4.52 0.80 2.05
C THR D 310 5.02 1.72 3.16
N ALA D 311 4.90 3.03 2.98
CA ALA D 311 5.32 3.98 4.00
C ALA D 311 4.54 3.79 5.29
N THR D 312 3.24 3.53 5.17
CA THR D 312 2.42 3.32 6.37
C THR D 312 2.83 2.04 7.09
N THR D 313 3.15 0.99 6.33
CA THR D 313 3.59 -0.26 6.96
C THR D 313 4.83 -0.02 7.79
N ILE D 314 5.80 0.73 7.26
CA ILE D 314 6.99 1.09 8.02
C ILE D 314 6.59 1.84 9.29
N ALA D 315 5.71 2.85 9.17
CA ALA D 315 5.31 3.63 10.34
C ALA D 315 4.69 2.74 11.42
N ALA D 316 3.80 1.83 11.02
CA ALA D 316 3.09 0.98 11.99
C ALA D 316 4.07 0.05 12.70
N LEU D 317 4.92 -0.64 11.94
CA LEU D 317 5.89 -1.55 12.53
C LEU D 317 6.92 -0.81 13.37
N ALA D 318 7.13 0.48 13.09
CA ALA D 318 8.03 1.29 13.91
C ALA D 318 7.41 1.65 15.25
N GLY D 319 6.09 1.49 15.41
CA GLY D 319 5.46 1.96 16.63
C GLY D 319 5.23 3.46 16.68
N ALA D 320 5.11 4.09 15.52
CA ALA D 320 4.91 5.53 15.46
C ALA D 320 3.58 5.92 16.11
N THR D 321 3.61 7.02 16.88
CA THR D 321 2.36 7.51 17.43
C THR D 321 1.47 8.11 16.34
N LYS D 322 2.08 8.62 15.29
CA LYS D 322 1.36 9.38 14.29
C LYS D 322 2.02 9.15 12.95
N VAL D 323 1.22 9.11 11.89
CA VAL D 323 1.76 9.09 10.52
C VAL D 323 1.04 10.15 9.72
N ILE D 324 1.79 10.89 8.91
CA ILE D 324 1.22 11.96 8.08
C ILE D 324 0.97 11.43 6.68
N VAL D 325 -0.22 11.73 6.15
CA VAL D 325 -0.76 11.07 4.96
C VAL D 325 -0.39 11.86 3.71
N LYS D 326 0.26 11.19 2.76
CA LYS D 326 0.44 11.64 1.40
C LYS D 326 -0.77 11.22 0.57
N THR D 327 -1.00 11.90 -0.55
CA THR D 327 -2.14 11.58 -1.40
C THR D 327 -1.69 11.20 -2.80
N PRO D 328 -2.55 10.58 -3.60
CA PRO D 328 -2.17 10.27 -4.99
C PRO D 328 -1.98 11.50 -5.87
N HIS D 329 -2.28 12.70 -5.39
CA HIS D 329 -2.02 13.91 -6.16
C HIS D 329 -0.66 14.53 -5.85
N GLU D 330 0.15 13.88 -5.01
CA GLU D 330 1.40 14.46 -4.52
C GLU D 330 2.26 15.00 -5.66
N ALA D 331 2.42 14.23 -6.75
CA ALA D 331 3.28 14.66 -7.84
C ALA D 331 2.77 15.90 -8.55
N ILE D 332 1.47 16.20 -8.45
CA ILE D 332 0.78 17.14 -9.34
C ILE D 332 0.47 18.47 -8.64
N GLY D 333 -0.32 18.43 -7.56
CA GLY D 333 -0.78 19.65 -6.94
C GLY D 333 -1.48 19.34 -5.64
N ILE D 334 -1.81 20.40 -4.91
CA ILE D 334 -2.62 20.34 -3.68
C ILE D 334 -3.79 19.40 -3.94
N PRO D 335 -3.95 18.34 -3.16
CA PRO D 335 -4.99 17.35 -3.45
C PRO D 335 -6.39 17.88 -3.21
N THR D 336 -7.33 17.39 -4.03
CA THR D 336 -8.74 17.58 -3.77
C THR D 336 -9.12 16.89 -2.47
N LYS D 337 -10.30 17.22 -1.94
CA LYS D 337 -10.75 16.54 -0.74
C LYS D 337 -10.90 15.04 -0.98
N GLU D 338 -11.26 14.63 -2.22
CA GLU D 338 -11.40 13.21 -2.51
C GLU D 338 -10.05 12.51 -2.54
N ALA D 339 -9.05 13.10 -3.20
CA ALA D 339 -7.73 12.48 -3.23
C ALA D 339 -7.11 12.42 -1.84
N ASN D 340 -7.38 13.42 -1.00
CA ASN D 340 -6.90 13.39 0.39
C ASN D 340 -7.60 12.29 1.18
N ALA D 341 -8.93 12.20 1.09
CA ALA D 341 -9.63 11.13 1.79
C ALA D 341 -9.16 9.77 1.30
N ALA D 342 -8.91 9.64 0.00
CA ALA D 342 -8.36 8.40 -0.55
C ALA D 342 -7.06 8.05 0.15
N GLY D 343 -6.16 9.03 0.30
CA GLY D 343 -4.91 8.78 1.00
C GLY D 343 -5.12 8.40 2.45
N ILE D 344 -6.07 9.05 3.12
CA ILE D 344 -6.30 8.75 4.53
C ILE D 344 -6.85 7.34 4.67
N LYS D 345 -7.77 6.96 3.79
CA LYS D 345 -8.41 5.65 3.86
C LYS D 345 -7.42 4.54 3.58
N ALA D 346 -6.55 4.70 2.58
CA ALA D 346 -5.53 3.68 2.33
C ALA D 346 -4.61 3.54 3.53
N THR D 347 -4.20 4.68 4.10
CA THR D 347 -3.32 4.68 5.27
C THR D 347 -3.96 3.99 6.45
N LYS D 348 -5.19 4.38 6.79
CA LYS D 348 -5.82 3.78 7.96
C LYS D 348 -6.12 2.30 7.74
N MET D 349 -6.45 1.91 6.50
CA MET D 349 -6.62 0.49 6.21
C MET D 349 -5.33 -0.27 6.52
N ALA D 350 -4.20 0.24 6.03
CA ALA D 350 -2.89 -0.35 6.32
C ALA D 350 -2.66 -0.46 7.82
N LEU D 351 -2.91 0.63 8.56
CA LEU D 351 -2.73 0.60 10.00
C LEU D 351 -3.59 -0.49 10.64
N ASN D 352 -4.88 -0.54 10.30
CA ASN D 352 -5.78 -1.53 10.88
C ASN D 352 -5.43 -2.95 10.42
N MET D 353 -4.82 -3.11 9.24
CA MET D 353 -4.33 -4.42 8.83
C MET D 353 -3.08 -4.84 9.59
N LEU D 354 -2.42 -3.92 10.30
CA LEU D 354 -1.20 -4.18 11.06
C LEU D 354 -1.39 -4.00 12.55
N GLU D 355 -2.64 -4.02 13.04
CA GLU D 355 -2.95 -3.66 14.42
C GLU D 355 -2.07 -4.42 15.40
N GLY D 356 -1.34 -3.67 16.22
CA GLY D 356 -0.52 -4.23 17.27
C GLY D 356 0.80 -4.83 16.82
N GLN D 357 1.03 -4.94 15.51
CA GLN D 357 2.27 -5.53 15.02
C GLN D 357 3.42 -4.53 15.06
N ARG D 358 4.58 -5.02 15.50
CA ARG D 358 5.81 -4.26 15.58
C ARG D 358 6.95 -5.11 15.03
N MET D 359 7.88 -4.46 14.33
CA MET D 359 9.15 -5.07 13.98
C MET D 359 9.85 -5.60 15.23
N PRO D 360 10.08 -6.91 15.34
CA PRO D 360 10.87 -7.42 16.45
C PRO D 360 12.33 -7.03 16.32
N MET D 361 13.04 -7.10 17.44
CA MET D 361 14.46 -6.75 17.42
C MET D 361 15.24 -7.77 16.62
N SER D 362 16.25 -7.30 15.90
CA SER D 362 17.15 -8.15 15.13
C SER D 362 18.56 -7.61 15.28
N LYS D 363 19.54 -8.47 14.99
CA LYS D 363 20.93 -7.99 14.93
C LYS D 363 21.09 -6.87 13.93
N GLU D 364 20.50 -7.01 12.74
CA GLU D 364 20.49 -5.94 11.75
C GLU D 364 19.91 -4.64 12.32
N LEU D 365 18.78 -4.73 13.01
CA LEU D 365 18.19 -3.51 13.57
C LEU D 365 19.07 -2.94 14.69
N GLU D 366 19.58 -3.81 15.57
CA GLU D 366 20.47 -3.39 16.63
C GLU D 366 21.70 -2.66 16.08
N THR D 367 22.28 -3.19 15.00
CA THR D 367 23.43 -2.54 14.37
C THR D 367 23.08 -1.15 13.85
N GLU D 368 22.03 -1.04 13.04
CA GLU D 368 21.68 0.26 12.46
C GLU D 368 21.35 1.27 13.56
N MET D 369 20.71 0.82 14.65
CA MET D 369 20.43 1.73 15.75
C MET D 369 21.71 2.24 16.40
N ALA D 370 22.70 1.36 16.59
CA ALA D 370 23.98 1.79 17.14
C ALA D 370 24.67 2.78 16.21
N VAL D 371 24.62 2.54 14.90
CA VAL D 371 25.22 3.48 13.96
C VAL D 371 24.55 4.84 14.07
N ILE D 372 23.22 4.86 14.11
CA ILE D 372 22.50 6.14 14.13
C ILE D 372 22.74 6.89 15.42
N LYS D 373 22.71 6.19 16.57
CA LYS D 373 22.95 6.89 17.82
C LYS D 373 24.36 7.46 17.86
N ALA D 374 25.35 6.67 17.42
CA ALA D 374 26.74 7.13 17.44
C ALA D 374 26.91 8.35 16.56
N GLU D 375 26.35 8.30 15.35
CA GLU D 375 26.39 9.43 14.44
C GLU D 375 25.70 10.65 15.05
N THR D 376 24.48 10.45 15.58
CA THR D 376 23.75 11.55 16.21
C THR D 376 24.54 12.15 17.37
N LYS D 377 25.19 11.30 18.17
CA LYS D 377 25.88 11.81 19.35
C LYS D 377 27.13 12.60 18.97
N CYS D 378 27.81 12.23 17.88
CA CYS D 378 28.92 13.05 17.38
C CYS D 378 28.45 14.49 17.10
N ILE D 379 27.31 14.61 16.43
CA ILE D 379 26.82 15.92 16.05
C ILE D 379 26.41 16.73 17.28
N LEU D 380 25.59 16.14 18.14
CA LEU D 380 25.15 16.82 19.35
C LEU D 380 26.32 17.15 20.27
N ASP D 381 27.28 16.24 20.41
CA ASP D 381 28.45 16.52 21.25
C ASP D 381 29.20 17.74 20.75
N LYS D 382 29.40 17.84 19.43
CA LYS D 382 30.14 18.97 18.89
C LYS D 382 29.35 20.27 19.08
N MET D 383 28.03 20.20 18.93
CA MET D 383 27.19 21.38 19.14
C MET D 383 27.34 21.90 20.58
N PHE D 384 27.21 21.01 21.57
CA PHE D 384 27.37 21.44 22.96
C PHE D 384 28.75 22.05 23.20
N GLU D 385 29.79 21.42 22.64
CA GLU D 385 31.14 21.96 22.78
C GLU D 385 31.24 23.34 22.13
N LEU D 386 30.76 23.46 20.89
CA LEU D 386 30.77 24.75 20.21
C LEU D 386 30.04 25.82 21.01
N GLY D 387 28.93 25.46 21.67
CA GLY D 387 28.17 26.40 22.47
C GLY D 387 28.65 26.53 23.91
N LYS D 388 29.78 25.91 24.26
CA LYS D 388 30.31 25.88 25.62
C LYS D 388 29.22 25.49 26.62
N GLY D 389 28.44 24.47 26.25
CA GLY D 389 27.36 23.98 27.07
C GLY D 389 25.99 24.50 26.69
N ASP D 390 25.91 25.57 25.88
CA ASP D 390 24.64 26.14 25.47
C ASP D 390 24.28 25.63 24.09
N LEU D 391 23.14 24.94 23.99
CA LEU D 391 22.77 24.26 22.75
C LEU D 391 22.28 25.21 21.68
N ALA D 392 21.64 26.32 22.07
CA ALA D 392 21.19 27.29 21.08
C ALA D 392 22.36 27.99 20.42
N ILE D 393 23.32 28.46 21.23
CA ILE D 393 24.55 29.01 20.65
C ILE D 393 25.30 27.93 19.87
N GLY D 394 25.36 26.72 20.42
CA GLY D 394 25.99 25.62 19.70
C GLY D 394 25.35 25.34 18.36
N THR D 395 24.04 25.60 18.23
CA THR D 395 23.37 25.39 16.96
C THR D 395 23.75 26.46 15.94
N VAL D 396 23.81 27.72 16.37
CA VAL D 396 24.26 28.79 15.47
C VAL D 396 25.65 28.46 14.93
N LYS D 397 26.57 28.12 15.82
CA LYS D 397 27.95 27.88 15.41
C LYS D 397 28.07 26.60 14.59
N ALA D 398 27.24 25.60 14.87
CA ALA D 398 27.29 24.38 14.08
C ALA D 398 26.88 24.63 12.64
N PHE D 399 25.89 25.50 12.42
CA PHE D 399 25.56 25.84 11.05
C PHE D 399 26.63 26.72 10.42
N GLU D 400 27.27 27.61 11.21
CA GLU D 400 28.35 28.43 10.66
C GLU D 400 29.54 27.60 10.24
N THR D 401 29.77 26.45 10.90
CA THR D 401 30.94 25.64 10.62
C THR D 401 30.60 24.34 9.91
N GLY D 402 29.34 24.14 9.49
CA GLY D 402 28.97 22.94 8.78
C GLY D 402 28.90 21.67 9.61
N VAL D 403 28.92 21.77 10.93
CA VAL D 403 28.71 20.61 11.80
C VAL D 403 27.30 20.06 11.62
N MET D 404 26.31 20.95 11.58
CA MET D 404 24.95 20.61 11.19
C MET D 404 24.74 21.17 9.79
N ASP D 405 24.26 20.32 8.90
CA ASP D 405 24.24 20.61 7.47
C ASP D 405 23.10 19.81 6.85
N ILE D 406 22.12 20.51 6.29
CA ILE D 406 20.88 19.90 5.82
C ILE D 406 20.94 19.82 4.30
N PRO D 407 20.91 18.62 3.72
CA PRO D 407 20.94 18.49 2.25
C PRO D 407 19.93 19.39 1.54
N PHE D 408 20.45 20.17 0.58
CA PHE D 408 19.65 20.99 -0.34
C PHE D 408 18.84 22.08 0.37
N GLY D 409 19.19 22.44 1.60
CA GLY D 409 18.53 23.54 2.28
C GLY D 409 18.73 24.84 1.52
N PRO D 410 17.65 25.61 1.31
CA PRO D 410 17.81 26.93 0.67
C PRO D 410 18.51 27.96 1.53
N SER D 411 18.57 27.76 2.85
CA SER D 411 19.17 28.75 3.73
C SER D 411 20.62 29.01 3.35
N LYS D 412 20.95 30.28 3.15
CA LYS D 412 22.34 30.63 2.92
C LYS D 412 23.20 30.37 4.15
N TYR D 413 22.60 30.18 5.32
CA TYR D 413 23.34 29.82 6.54
C TYR D 413 23.57 28.32 6.66
N ASN D 414 23.17 27.56 5.65
CA ASN D 414 23.41 26.13 5.58
C ASN D 414 24.63 25.91 4.69
N ALA D 415 25.63 25.17 5.19
CA ALA D 415 26.90 25.03 4.46
C ALA D 415 26.73 24.38 3.10
N GLY D 416 25.79 23.44 2.97
CA GLY D 416 25.56 22.78 1.70
C GLY D 416 26.72 21.94 1.20
N LYS D 417 27.55 21.43 2.10
CA LYS D 417 28.72 20.62 1.77
C LYS D 417 28.48 19.13 1.95
N MET D 418 27.84 18.74 3.04
CA MET D 418 27.48 17.34 3.22
C MET D 418 26.56 16.90 2.08
N MET D 419 26.83 15.71 1.54
CA MET D 419 26.09 15.17 0.40
C MET D 419 25.63 13.75 0.74
N PRO D 420 24.32 13.46 0.68
CA PRO D 420 23.84 12.11 1.01
C PRO D 420 23.63 11.25 -0.22
N VAL D 421 23.54 9.93 -0.06
CA VAL D 421 23.23 9.02 -1.18
C VAL D 421 22.87 7.66 -0.59
N ARG D 422 22.19 6.83 -1.37
CA ARG D 422 21.74 5.53 -0.87
C ARG D 422 22.80 4.48 -1.06
N ASP D 423 22.83 3.50 -0.14
CA ASP D 423 23.71 2.35 -0.29
C ASP D 423 22.99 1.27 -1.10
N ASN D 424 23.56 0.06 -1.18
CA ASN D 424 23.00 -0.94 -2.09
C ASN D 424 21.66 -1.49 -1.62
N LEU D 425 21.29 -1.30 -0.35
CA LEU D 425 19.98 -1.71 0.13
C LEU D 425 19.00 -0.54 0.27
N GLY D 426 19.38 0.66 -0.21
CA GLY D 426 18.51 1.81 -0.16
C GLY D 426 18.64 2.65 1.09
N CYS D 427 19.52 2.30 2.02
CA CYS D 427 19.72 3.13 3.22
C CYS D 427 20.41 4.42 2.83
N VAL D 428 19.89 5.56 3.31
CA VAL D 428 20.57 6.83 3.06
C VAL D 428 21.85 6.86 3.87
N ARG D 429 22.97 7.15 3.20
CA ARG D 429 24.29 7.26 3.83
C ARG D 429 24.90 8.61 3.49
N TYR D 430 26.03 8.91 4.12
CA TYR D 430 26.81 10.11 3.84
C TYR D 430 27.78 9.82 2.71
N LEU D 431 27.61 10.48 1.56
CA LEU D 431 28.57 10.37 0.47
C LEU D 431 29.75 11.32 0.68
N GLU D 432 29.47 12.59 0.95
CA GLU D 432 30.51 13.55 1.28
C GLU D 432 30.20 14.08 2.67
N PHE D 433 31.19 14.09 3.54
CA PHE D 433 30.93 14.41 4.93
C PHE D 433 30.97 15.91 5.23
N GLY D 434 31.58 16.70 4.37
CA GLY D 434 31.80 18.10 4.70
C GLY D 434 32.42 18.19 6.08
N ASN D 435 31.87 19.07 6.92
CA ASN D 435 32.38 19.27 8.28
C ASN D 435 31.54 18.57 9.34
N VAL D 436 30.77 17.55 8.97
CA VAL D 436 30.01 16.79 9.96
C VAL D 436 31.02 16.01 10.80
N PRO D 437 31.06 16.22 12.12
CA PRO D 437 32.19 15.76 12.96
C PRO D 437 32.13 14.28 13.31
N PHE D 438 32.16 13.44 12.29
CA PHE D 438 32.12 12.00 12.48
C PHE D 438 33.52 11.45 12.75
N THR D 439 33.59 10.37 13.53
CA THR D 439 34.86 9.67 13.66
C THR D 439 35.23 8.97 12.36
N GLU D 440 36.48 8.54 12.26
CA GLU D 440 36.90 7.80 11.08
C GLU D 440 36.16 6.47 10.96
N GLU D 441 35.87 5.81 12.10
CA GLU D 441 35.10 4.57 12.07
C GLU D 441 33.71 4.79 11.50
N ILE D 442 33.05 5.86 11.92
CA ILE D 442 31.73 6.18 11.38
C ILE D 442 31.82 6.47 9.90
N LYS D 443 32.83 7.24 9.49
CA LYS D 443 32.97 7.56 8.07
C LYS D 443 33.22 6.29 7.26
N ASN D 444 34.06 5.39 7.78
CA ASN D 444 34.42 4.19 7.05
C ASN D 444 33.23 3.25 6.89
N TYR D 445 32.36 3.16 7.90
CA TYR D 445 31.16 2.35 7.72
C TYR D 445 30.30 2.89 6.59
N ASN D 446 30.13 4.21 6.54
CA ASN D 446 29.39 4.82 5.44
C ASN D 446 30.00 4.48 4.08
N ARG D 447 31.33 4.52 3.98
CA ARG D 447 31.98 4.24 2.70
C ARG D 447 31.85 2.78 2.31
N GLU D 448 32.00 1.87 3.28
CA GLU D 448 31.86 0.44 3.03
C GLU D 448 30.47 0.09 2.50
N ARG D 449 29.42 0.66 3.11
CA ARG D 449 28.07 0.41 2.61
C ARG D 449 27.89 0.97 1.21
N LEU D 450 28.47 2.14 0.93
CA LEU D 450 28.30 2.71 -0.40
C LEU D 450 29.10 1.92 -1.45
N GLN D 451 30.22 1.33 -1.05
CA GLN D 451 31.00 0.59 -2.03
C GLN D 451 30.25 -0.63 -2.56
N GLU D 452 29.39 -1.24 -1.73
CA GLU D 452 28.55 -2.34 -2.21
C GLU D 452 27.66 -1.89 -3.36
N ARG D 453 27.23 -0.62 -3.35
CA ARG D 453 26.39 -0.15 -4.44
C ARG D 453 27.21 0.07 -5.70
N ALA D 454 28.40 0.68 -5.55
CA ALA D 454 29.34 0.78 -6.66
C ALA D 454 29.60 -0.59 -7.28
N LYS D 455 29.95 -1.57 -6.43
CA LYS D 455 30.18 -2.92 -6.93
C LYS D 455 28.95 -3.47 -7.64
N PHE D 456 27.76 -3.29 -7.07
CA PHE D 456 26.58 -3.88 -7.68
C PHE D 456 26.20 -3.17 -8.98
N GLU D 457 26.35 -1.85 -9.04
CA GLU D 457 25.92 -1.09 -10.20
C GLU D 457 27.02 -0.95 -11.25
N GLY D 458 28.25 -1.33 -10.93
CA GLY D 458 29.34 -1.19 -11.88
C GLY D 458 29.72 0.23 -12.19
N ARG D 459 29.49 1.15 -11.26
CA ARG D 459 29.88 2.54 -11.46
C ARG D 459 30.33 3.09 -10.12
N ASP D 460 31.23 4.06 -10.16
CA ASP D 460 31.74 4.68 -8.94
C ASP D 460 30.64 5.46 -8.24
N VAL D 461 30.67 5.44 -6.90
CA VAL D 461 29.75 6.26 -6.13
C VAL D 461 30.01 7.73 -6.45
N SER D 462 28.94 8.50 -6.64
CA SER D 462 29.10 9.83 -7.25
C SER D 462 27.84 10.64 -7.08
N PHE D 463 27.97 11.95 -7.34
CA PHE D 463 26.83 12.86 -7.31
C PHE D 463 25.77 12.45 -8.33
N GLN D 464 26.16 11.77 -9.41
CA GLN D 464 25.16 11.22 -10.34
C GLN D 464 24.22 10.24 -9.66
N MET D 465 24.75 9.42 -8.73
CA MET D 465 23.87 8.54 -7.95
C MET D 465 22.89 9.36 -7.12
N VAL D 466 23.35 10.49 -6.58
CA VAL D 466 22.47 11.34 -5.79
C VAL D 466 21.33 11.87 -6.67
N ILE D 467 21.68 12.34 -7.86
CA ILE D 467 20.65 12.80 -8.81
C ILE D 467 19.68 11.68 -9.11
N ASP D 468 20.22 10.50 -9.41
CA ASP D 468 19.38 9.33 -9.69
C ASP D 468 18.48 9.01 -8.51
N ASP D 469 19.01 9.10 -7.29
CA ASP D 469 18.20 8.83 -6.11
C ASP D 469 17.11 9.88 -5.94
N ILE D 470 17.40 11.13 -6.28
CA ILE D 470 16.41 12.19 -6.16
C ILE D 470 15.20 11.93 -7.06
N PHE D 471 15.43 11.33 -8.24
CA PHE D 471 14.36 11.05 -9.20
C PHE D 471 13.77 9.66 -9.10
N ALA D 472 14.36 8.76 -8.31
CA ALA D 472 14.07 7.33 -8.42
C ALA D 472 12.61 7.01 -8.12
N VAL D 473 12.08 7.52 -7.00
CA VAL D 473 10.73 7.14 -6.59
C VAL D 473 9.70 7.65 -7.61
N GLY D 474 9.86 8.89 -8.07
CA GLY D 474 8.99 9.39 -9.12
C GLY D 474 9.05 8.54 -10.38
N LYS D 475 10.19 7.90 -10.63
CA LYS D 475 10.36 7.00 -11.76
C LYS D 475 10.06 5.56 -11.40
N GLY D 476 9.57 5.30 -10.18
CA GLY D 476 8.97 4.02 -9.85
C GLY D 476 9.80 3.06 -9.02
N ARG D 477 10.80 3.54 -8.27
CA ARG D 477 11.63 2.63 -7.50
C ARG D 477 12.38 3.43 -6.43
N LEU D 478 12.83 2.72 -5.39
CA LEU D 478 13.53 3.42 -4.31
C LEU D 478 14.93 3.85 -4.73
N ILE D 479 15.70 2.95 -5.29
CA ILE D 479 17.12 3.18 -5.55
C ILE D 479 17.32 3.58 -6.99
N GLY D 480 18.05 4.67 -7.21
CA GLY D 480 18.37 5.14 -8.55
C GLY D 480 19.38 4.26 -9.25
N ARG D 481 18.96 3.07 -9.66
CA ARG D 481 19.82 2.21 -10.45
C ARG D 481 20.03 2.82 -11.83
N PRO D 482 21.14 2.52 -12.48
CA PRO D 482 21.45 3.14 -13.76
C PRO D 482 20.63 2.52 -14.88
N GLU D 483 20.87 3.01 -16.09
CA GLU D 483 20.19 2.58 -17.33
C GLU D 483 18.75 3.09 -17.27
#